data_2R7U
#
_entry.id   2R7U
#
_cell.length_a   76.743
_cell.length_b   112.151
_cell.length_c   144.307
_cell.angle_alpha   90.000
_cell.angle_beta   90.000
_cell.angle_gamma   90.000
#
_symmetry.space_group_name_H-M   'P 21 21 21'
#
loop_
_entity.id
_entity.type
_entity.pdbx_description
1 polymer "RNA (5'-R(*AP*A*AP*AP*GP*CP*C)-3')"
2 polymer 'RNA-dependent RNA polymerase'
#
loop_
_entity_poly.entity_id
_entity_poly.type
_entity_poly.pdbx_seq_one_letter_code
_entity_poly.pdbx_strand_id
1 'polyribonucleotide' AAAAGCC X
2 'polypeptide(L)'
;MGKYNLILSEYLSFIYNSQSAVQIPIYYSSNSELENRCIEFHSKCLENSKNGLSLRKLFVEYNDVIENATLLSILSYSYD
KYNAVERKLVKYAKGKPLEADLTVNELDYENNKMTSELFPTAEEYTDSLMDPAILTSLSSNLNAVMFWLEKHENDVAEKL
KVYKRRLDLFTIVASTINKYGVPRHNAKYRYEYDVMKDKPYYLVTWANSSIEMLMSVFSHDDYLIAKELIVLSYSNRSTL
AKLVSSPMSILVALVDINGTFITNEELELEFSNKYVRAIVPDQTFDELNQMLDNMRKAGLVDIPKMIQDWLVDRSIEKFP
LMAKIYSWSFHVGFRKQKMLDAALDQLKTEYTENVDDEMYREYTMLIRDEVVKMLEEPVKHDDHLLRDSELAGLLSMSSA
SNGESRQLKFGRKTIFSTKKNMHVMDDMANERYTPGIIPPVNVDKPIPLGRRDVPGRRTRIIFILPYEYFIAQHAVVEKM
LIYAKHTREYAEFYSQSNQLLSYGDVTRFLSNNTMVLYTDVSQWDSSQHNTQPFRKGIIMGLDILANMTNDAKVLQTLNL
YKQTQINLMDSYVQIPDGNVIKKIQYGAVASGEKQTKAANSIANLALIKTVLSRISNKHSFATKIIRVDGDDNYAVLQFN
TEVTKQMIQDVSNDVRETYARMNAKVKALVSTVGIEIAKRYIAGGKIFFRAGINLLNNEKRGQSTQWDQAAILYSNYIVN
RLRGFETDREFILTKIMQMTSVAITGSLRLFPSERVLTTNSTFKVFDSEDFIIEYGTTVDEVYIQRAFMSLSSQKSGIAD
EIAASSTFKNYVTRLSEQLLFSKNNIVSRGIALTEKAKLNSYAPISLEKRRAQISALLTMLQKPVTFKSSKITINDILRD
IKPFFTVSDAHLPIQYQKFMPTLPDNVQYIIQCIGSRTYQIEDDGSKSAISRLISKYSVYKPSIEELYKVISLHENEIQL
YLISLGIPKIDADTYVGSKIYSRDKYRILESYVYNLLSINYGCYQLFDFNSPDLEKLIRIPFKGKIPAVTFILHLYAKLE
VINYAIKNGSWISLFCNYPKSEMIKLWKKMWNITSLRSPYTNANFFQEPHHHHHH
;
A
#
loop_
_chem_comp.id
_chem_comp.type
_chem_comp.name
_chem_comp.formula
A RNA linking ADENOSINE-5'-MONOPHOSPHATE 'C10 H14 N5 O7 P'
C RNA linking CYTIDINE-5'-MONOPHOSPHATE 'C9 H14 N3 O8 P'
G RNA linking GUANOSINE-5'-MONOPHOSPHATE 'C10 H14 N5 O8 P'
#
# COMPACT_ATOMS: atom_id res chain seq x y z
N GLY B 2 3.85 25.88 -8.67
CA GLY B 2 2.72 26.60 -8.02
C GLY B 2 1.44 26.62 -8.85
N LYS B 3 1.43 25.83 -9.92
CA LYS B 3 0.28 25.74 -10.83
C LYS B 3 -0.98 25.15 -10.25
N TYR B 4 -0.90 24.56 -9.06
CA TYR B 4 -2.10 24.02 -8.45
C TYR B 4 -3.06 25.13 -8.11
N ASN B 5 -2.55 26.24 -7.58
CA ASN B 5 -3.45 27.33 -7.21
C ASN B 5 -4.18 27.95 -8.41
N LEU B 6 -3.47 28.10 -9.53
CA LEU B 6 -4.06 28.64 -10.74
C LEU B 6 -5.12 27.72 -11.32
N ILE B 7 -4.85 26.42 -11.27
CA ILE B 7 -5.74 25.38 -11.77
C ILE B 7 -7.03 25.37 -10.98
N LEU B 8 -6.94 25.56 -9.66
CA LEU B 8 -8.12 25.52 -8.81
C LEU B 8 -9.10 26.64 -9.16
N SER B 9 -8.59 27.82 -9.45
CA SER B 9 -9.48 28.93 -9.81
C SER B 9 -10.23 28.70 -11.11
N GLU B 10 -9.53 28.13 -12.10
CA GLU B 10 -10.14 27.87 -13.40
C GLU B 10 -11.25 26.88 -13.21
N TYR B 11 -11.00 25.88 -12.37
CA TYR B 11 -12.01 24.86 -12.11
C TYR B 11 -13.23 25.46 -11.38
N LEU B 12 -12.97 26.32 -10.40
CA LEU B 12 -14.09 26.92 -9.68
C LEU B 12 -14.86 27.81 -10.62
N SER B 13 -14.14 28.56 -11.43
CA SER B 13 -14.80 29.44 -12.37
C SER B 13 -15.60 28.60 -13.35
N PHE B 14 -15.03 27.49 -13.78
CA PHE B 14 -15.75 26.63 -14.71
C PHE B 14 -16.99 25.99 -14.07
N ILE B 15 -16.85 25.52 -12.84
CA ILE B 15 -17.97 24.88 -12.13
C ILE B 15 -19.14 25.78 -11.76
N TYR B 16 -18.82 26.96 -11.29
CA TYR B 16 -19.81 27.92 -10.84
C TYR B 16 -19.82 29.22 -11.65
N ASN B 17 -20.99 29.58 -12.19
CA ASN B 17 -21.15 30.81 -12.98
C ASN B 17 -22.50 31.50 -12.72
N SER B 18 -22.43 32.70 -12.15
CA SER B 18 -23.64 33.49 -11.84
C SER B 18 -23.27 34.90 -11.38
N VAL B 22 -18.96 33.77 -7.11
CA VAL B 22 -17.73 34.52 -6.89
C VAL B 22 -16.67 33.75 -6.10
N GLN B 23 -15.43 34.23 -6.15
CA GLN B 23 -14.32 33.61 -5.44
C GLN B 23 -13.58 34.66 -4.63
N ILE B 24 -13.32 34.34 -3.36
CA ILE B 24 -12.63 35.25 -2.47
C ILE B 24 -11.30 34.65 -2.00
N PRO B 25 -10.19 35.06 -2.63
CA PRO B 25 -8.87 34.55 -2.26
C PRO B 25 -8.51 34.96 -0.86
N ILE B 26 -8.00 34.04 -0.07
CA ILE B 26 -7.63 34.35 1.31
C ILE B 26 -6.12 34.21 1.47
N TYR B 27 -5.46 35.30 1.85
CA TYR B 27 -4.02 35.28 2.06
C TYR B 27 -3.61 35.38 3.52
N TYR B 28 -2.31 35.26 3.76
CA TYR B 28 -1.74 35.35 5.11
C TYR B 28 -0.24 35.54 4.96
N SER B 29 0.39 36.07 6.02
CA SER B 29 1.83 36.31 5.99
C SER B 29 2.49 36.25 7.37
N SER B 30 3.78 35.93 7.36
CA SER B 30 4.52 35.83 8.59
C SER B 30 4.83 37.23 9.10
N ASN B 31 4.87 38.21 8.21
CA ASN B 31 5.15 39.59 8.59
C ASN B 31 3.86 40.30 9.06
N SER B 32 3.92 40.88 10.26
CA SER B 32 2.77 41.57 10.87
C SER B 32 2.03 42.62 10.06
N GLU B 33 2.76 43.57 9.50
CA GLU B 33 2.12 44.62 8.72
C GLU B 33 1.43 44.06 7.48
N LEU B 34 2.07 43.10 6.81
CA LEU B 34 1.57 42.47 5.59
C LEU B 34 0.28 41.71 5.85
N GLU B 35 0.24 41.04 6.99
CA GLU B 35 -0.89 40.23 7.43
C GLU B 35 -2.14 41.10 7.62
N ASN B 36 -1.95 42.29 8.18
CA ASN B 36 -3.04 43.23 8.40
C ASN B 36 -3.56 43.60 7.03
N ARG B 37 -2.64 43.75 6.09
CA ARG B 37 -2.98 44.08 4.72
C ARG B 37 -3.79 42.89 4.19
N CYS B 38 -3.38 41.68 4.54
CA CYS B 38 -4.14 40.51 4.11
C CYS B 38 -5.53 40.56 4.76
N ILE B 39 -5.58 40.97 6.02
CA ILE B 39 -6.86 41.05 6.72
C ILE B 39 -7.78 42.12 6.11
N GLU B 40 -7.20 43.27 5.79
CA GLU B 40 -7.98 44.35 5.20
C GLU B 40 -8.56 43.95 3.84
N PHE B 41 -7.73 43.29 3.03
CA PHE B 41 -8.13 42.88 1.70
C PHE B 41 -9.26 41.86 1.72
N HIS B 42 -9.19 40.93 2.66
CA HIS B 42 -10.21 39.90 2.77
C HIS B 42 -11.52 40.57 3.13
N SER B 43 -11.46 41.54 4.03
CA SER B 43 -12.68 42.20 4.48
C SER B 43 -13.34 42.98 3.38
N LYS B 44 -12.53 43.67 2.59
CA LYS B 44 -13.04 44.47 1.50
C LYS B 44 -13.68 43.59 0.44
N CYS B 45 -13.07 42.44 0.17
CA CYS B 45 -13.62 41.54 -0.83
C CYS B 45 -15.01 41.01 -0.40
N LEU B 46 -15.18 40.64 0.88
CA LEU B 46 -16.50 40.16 1.31
C LEU B 46 -17.52 41.28 1.17
N GLU B 47 -17.14 42.48 1.57
CA GLU B 47 -18.07 43.59 1.52
C GLU B 47 -18.42 43.90 0.08
N ASN B 48 -17.45 43.89 -0.82
CA ASN B 48 -17.70 44.18 -2.24
C ASN B 48 -18.57 43.11 -2.87
N SER B 49 -18.33 41.86 -2.52
CA SER B 49 -19.15 40.78 -3.07
C SER B 49 -20.58 40.89 -2.55
N LYS B 50 -20.72 41.25 -1.27
CA LYS B 50 -22.04 41.41 -0.67
C LYS B 50 -22.71 42.66 -1.23
N ASN B 51 -22.24 43.16 -2.38
CA ASN B 51 -22.81 44.35 -2.99
C ASN B 51 -22.74 44.28 -4.52
N GLY B 52 -22.39 43.11 -5.03
CA GLY B 52 -22.28 42.91 -6.46
C GLY B 52 -21.36 43.88 -7.15
N LEU B 53 -20.25 44.24 -6.49
CA LEU B 53 -19.26 45.16 -7.02
C LEU B 53 -18.02 44.42 -7.46
N SER B 54 -17.34 45.00 -8.44
CA SER B 54 -16.14 44.44 -9.02
C SER B 54 -14.98 44.43 -8.01
N LEU B 55 -14.26 43.33 -7.96
CA LEU B 55 -13.12 43.23 -7.07
C LEU B 55 -11.84 43.61 -7.79
N ARG B 56 -11.95 44.15 -8.99
CA ARG B 56 -10.77 44.50 -9.78
C ARG B 56 -9.89 45.57 -9.15
N LYS B 57 -10.51 46.59 -8.58
CA LYS B 57 -9.78 47.67 -7.92
C LYS B 57 -9.05 47.18 -6.68
N LEU B 58 -9.68 46.30 -5.91
CA LEU B 58 -9.09 45.78 -4.70
C LEU B 58 -7.83 44.98 -5.01
N PHE B 59 -7.86 44.21 -6.09
CA PHE B 59 -6.70 43.41 -6.47
C PHE B 59 -5.53 44.34 -6.82
N VAL B 60 -5.82 45.42 -7.52
CA VAL B 60 -4.80 46.40 -7.86
C VAL B 60 -4.31 47.10 -6.58
N GLU B 61 -5.25 47.44 -5.69
CA GLU B 61 -4.93 48.13 -4.44
C GLU B 61 -4.02 47.32 -3.55
N TYR B 62 -4.38 46.04 -3.38
CA TYR B 62 -3.63 45.10 -2.56
C TYR B 62 -2.79 44.21 -3.46
N ASN B 63 -2.07 44.89 -4.36
CA ASN B 63 -1.17 44.27 -5.33
C ASN B 63 -0.09 43.59 -4.50
N ASP B 64 0.32 44.26 -3.43
CA ASP B 64 1.36 43.76 -2.56
C ASP B 64 0.92 42.45 -1.93
N VAL B 65 -0.34 42.37 -1.51
CA VAL B 65 -0.78 41.12 -0.90
C VAL B 65 -0.70 39.97 -1.91
N ILE B 66 -1.12 40.21 -3.16
CA ILE B 66 -1.08 39.16 -4.17
C ILE B 66 0.35 38.74 -4.52
N GLU B 67 1.22 39.75 -4.65
CA GLU B 67 2.64 39.57 -4.93
C GLU B 67 3.54 38.90 -3.87
N ASN B 68 3.35 39.27 -2.60
CA ASN B 68 4.21 38.76 -1.54
C ASN B 68 3.57 37.88 -0.48
N ALA B 69 2.28 38.02 -0.25
CA ALA B 69 1.61 37.20 0.76
C ALA B 69 1.48 35.79 0.22
N THR B 70 1.13 34.86 1.09
CA THR B 70 0.98 33.48 0.68
C THR B 70 -0.50 33.10 0.68
N LEU B 71 -0.99 32.61 -0.47
CA LEU B 71 -2.39 32.20 -0.59
C LEU B 71 -2.63 31.04 0.36
N LEU B 72 -3.64 31.18 1.21
CA LEU B 72 -3.97 30.16 2.19
C LEU B 72 -5.14 29.31 1.78
N SER B 73 -6.07 29.91 1.05
CA SER B 73 -7.24 29.19 0.60
C SER B 73 -8.07 30.04 -0.34
N ILE B 74 -9.19 29.50 -0.81
CA ILE B 74 -10.06 30.25 -1.69
C ILE B 74 -11.51 30.06 -1.26
N LEU B 75 -12.25 31.16 -1.15
CA LEU B 75 -13.64 31.08 -0.75
C LEU B 75 -14.50 30.89 -1.99
N SER B 76 -15.50 30.01 -1.89
CA SER B 76 -16.37 29.74 -3.02
C SER B 76 -17.84 30.02 -2.72
N TYR B 77 -18.30 31.21 -3.12
CA TYR B 77 -19.70 31.60 -2.93
C TYR B 77 -20.45 31.26 -4.21
N SER B 78 -21.17 30.15 -4.19
CA SER B 78 -21.90 29.71 -5.37
C SER B 78 -23.36 29.48 -5.06
N TYR B 79 -24.22 30.28 -5.69
CA TYR B 79 -25.65 30.12 -5.46
C TYR B 79 -26.37 29.47 -6.63
N ASP B 80 -26.14 28.16 -6.73
CA ASP B 80 -26.73 27.27 -7.71
C ASP B 80 -27.29 26.20 -6.77
N LYS B 81 -27.58 25.02 -7.28
CA LYS B 81 -28.10 23.95 -6.43
C LYS B 81 -27.47 22.63 -6.86
N TYR B 82 -26.15 22.56 -6.66
CA TYR B 82 -25.33 21.40 -7.02
C TYR B 82 -25.80 20.65 -8.28
N ASN B 83 -26.35 21.42 -9.21
CA ASN B 83 -26.84 20.91 -10.50
C ASN B 83 -25.67 20.99 -11.48
N ALA B 84 -25.89 21.69 -12.60
CA ALA B 84 -24.86 21.89 -13.62
C ALA B 84 -24.35 20.61 -14.28
N VAL B 85 -24.21 19.54 -13.50
CA VAL B 85 -23.72 18.28 -14.02
C VAL B 85 -24.71 17.76 -15.04
N GLU B 86 -25.99 17.88 -14.73
CA GLU B 86 -27.00 17.37 -15.65
C GLU B 86 -26.94 18.20 -16.94
N ARG B 87 -26.83 19.51 -16.79
CA ARG B 87 -26.77 20.44 -17.91
C ARG B 87 -25.50 20.31 -18.78
N LYS B 88 -24.35 20.12 -18.14
CA LYS B 88 -23.03 19.98 -18.75
C LYS B 88 -22.79 18.76 -19.65
N LEU B 89 -23.37 17.65 -19.21
CA LEU B 89 -23.28 16.30 -19.79
C LEU B 89 -23.85 16.14 -21.19
N VAL B 90 -24.95 16.82 -21.46
CA VAL B 90 -25.71 16.69 -22.70
C VAL B 90 -24.88 17.10 -23.91
N LYS B 91 -24.04 18.12 -23.83
CA LYS B 91 -23.29 18.53 -25.02
C LYS B 91 -22.39 17.38 -25.46
N TYR B 92 -21.79 16.65 -24.52
CA TYR B 92 -20.95 15.49 -24.88
C TYR B 92 -21.72 14.19 -25.17
N ALA B 93 -23.00 14.16 -24.81
CA ALA B 93 -23.85 12.98 -24.98
C ALA B 93 -24.55 12.83 -26.34
N LYS B 94 -23.79 12.79 -27.42
CA LYS B 94 -24.39 12.66 -28.74
C LYS B 94 -24.35 11.25 -29.30
N GLY B 95 -23.29 10.51 -29.01
CA GLY B 95 -23.18 9.15 -29.51
C GLY B 95 -24.31 8.25 -29.02
N LYS B 96 -24.45 7.09 -29.62
CA LYS B 96 -25.51 6.19 -29.20
C LYS B 96 -25.15 5.52 -27.88
N PRO B 97 -26.11 5.42 -26.95
CA PRO B 97 -25.82 4.78 -25.66
C PRO B 97 -25.38 3.36 -25.89
N LEU B 98 -24.84 2.71 -24.87
CA LEU B 98 -24.42 1.34 -25.00
C LEU B 98 -25.52 0.42 -24.51
N GLU B 99 -25.61 -0.77 -25.08
CA GLU B 99 -26.63 -1.70 -24.66
C GLU B 99 -25.96 -2.94 -24.09
N ALA B 100 -26.24 -3.19 -22.81
CA ALA B 100 -25.67 -4.32 -22.10
C ALA B 100 -26.02 -5.64 -22.73
N ASP B 101 -25.04 -6.50 -22.88
CA ASP B 101 -25.27 -7.80 -23.47
C ASP B 101 -25.50 -8.72 -22.28
N LEU B 102 -26.75 -8.84 -21.86
CA LEU B 102 -27.08 -9.67 -20.71
C LEU B 102 -26.86 -11.16 -20.94
N THR B 103 -25.92 -11.53 -21.79
CA THR B 103 -25.70 -12.95 -21.99
C THR B 103 -24.24 -13.34 -21.78
N VAL B 104 -23.41 -12.38 -21.40
CA VAL B 104 -21.98 -12.66 -21.24
C VAL B 104 -21.48 -13.20 -19.91
N ASN B 105 -22.25 -13.00 -18.83
CA ASN B 105 -21.81 -13.45 -17.51
C ASN B 105 -22.58 -14.65 -16.97
N GLU B 106 -21.86 -15.59 -16.37
CA GLU B 106 -22.47 -16.79 -15.78
C GLU B 106 -23.51 -16.34 -14.77
N LEU B 107 -23.09 -16.16 -13.52
CA LEU B 107 -24.03 -15.72 -12.49
C LEU B 107 -24.87 -14.55 -13.02
N ASP B 108 -26.19 -14.69 -12.95
CA ASP B 108 -27.10 -13.68 -13.44
C ASP B 108 -26.84 -12.29 -12.94
N TYR B 109 -26.48 -12.15 -11.66
CA TYR B 109 -26.28 -10.80 -11.10
C TYR B 109 -25.00 -10.07 -11.53
N GLU B 110 -24.17 -10.72 -12.35
CA GLU B 110 -22.97 -10.07 -12.85
C GLU B 110 -23.25 -9.43 -14.21
N ASN B 111 -24.46 -9.56 -14.73
CA ASN B 111 -24.80 -8.95 -16.01
C ASN B 111 -25.39 -7.58 -15.75
N ASN B 112 -25.18 -6.64 -16.68
CA ASN B 112 -25.66 -5.29 -16.49
C ASN B 112 -27.18 -5.10 -16.58
N LYS B 113 -27.96 -5.95 -15.91
CA LYS B 113 -29.43 -5.82 -15.95
C LYS B 113 -29.89 -4.52 -15.30
N MET B 114 -31.18 -4.21 -15.37
CA MET B 114 -31.68 -3.00 -14.72
C MET B 114 -31.72 -3.35 -13.24
N THR B 115 -31.28 -2.43 -12.41
CA THR B 115 -31.23 -2.68 -10.98
C THR B 115 -32.48 -3.34 -10.46
N SER B 116 -33.65 -2.83 -10.87
CA SER B 116 -34.94 -3.35 -10.44
C SER B 116 -35.06 -4.86 -10.68
N GLU B 117 -34.65 -5.29 -11.87
CA GLU B 117 -34.69 -6.70 -12.27
C GLU B 117 -33.79 -7.62 -11.41
N LEU B 118 -33.00 -7.04 -10.53
CA LEU B 118 -32.15 -7.83 -9.66
C LEU B 118 -32.70 -7.73 -8.25
N PHE B 119 -33.28 -6.57 -7.95
CA PHE B 119 -33.88 -6.30 -6.64
C PHE B 119 -35.20 -5.56 -6.83
N PRO B 120 -36.30 -6.32 -7.04
CA PRO B 120 -37.65 -5.79 -7.25
C PRO B 120 -38.15 -4.89 -6.13
N THR B 121 -37.60 -5.04 -4.93
CA THR B 121 -38.01 -4.21 -3.80
C THR B 121 -36.87 -3.53 -3.06
N ALA B 122 -37.18 -2.37 -2.50
CA ALA B 122 -36.20 -1.56 -1.78
C ALA B 122 -35.56 -2.32 -0.60
N GLU B 123 -36.16 -3.42 -0.18
CA GLU B 123 -35.63 -4.20 0.94
C GLU B 123 -34.70 -5.30 0.47
N GLU B 124 -34.78 -5.61 -0.82
CA GLU B 124 -33.94 -6.65 -1.42
C GLU B 124 -32.69 -6.05 -2.04
N TYR B 125 -32.66 -4.72 -2.08
CA TYR B 125 -31.54 -3.99 -2.64
C TYR B 125 -30.30 -4.07 -1.79
N THR B 126 -29.18 -3.81 -2.45
CA THR B 126 -27.84 -3.82 -1.86
C THR B 126 -26.87 -3.27 -2.88
N ASP B 127 -25.96 -2.39 -2.44
CA ASP B 127 -24.95 -1.85 -3.32
C ASP B 127 -23.71 -2.73 -3.19
N SER B 128 -23.74 -3.69 -2.26
CA SER B 128 -22.63 -4.61 -2.01
C SER B 128 -21.89 -5.15 -3.24
N LEU B 129 -22.55 -5.14 -4.39
CA LEU B 129 -21.94 -5.67 -5.60
C LEU B 129 -21.49 -4.62 -6.60
N MET B 130 -21.58 -3.35 -6.25
CA MET B 130 -21.20 -2.30 -7.18
C MET B 130 -20.82 -1.01 -6.44
N ASP B 131 -20.66 -1.09 -5.13
CA ASP B 131 -20.31 0.11 -4.38
C ASP B 131 -18.90 0.55 -4.70
N PRO B 132 -18.74 1.77 -5.21
CA PRO B 132 -17.40 2.26 -5.53
C PRO B 132 -16.59 2.33 -4.25
N ALA B 133 -17.32 2.46 -3.14
CA ALA B 133 -16.73 2.52 -1.81
C ALA B 133 -15.69 3.63 -1.67
N ILE B 134 -15.87 4.74 -2.35
CA ILE B 134 -14.89 5.81 -2.24
C ILE B 134 -15.58 7.12 -1.90
N LEU B 135 -14.89 7.94 -1.11
CA LEU B 135 -15.46 9.20 -0.69
C LEU B 135 -15.39 10.34 -1.67
N THR B 136 -15.86 10.09 -2.89
CA THR B 136 -15.91 11.10 -3.95
C THR B 136 -16.99 10.62 -4.89
N SER B 137 -17.82 11.55 -5.36
CA SER B 137 -18.94 11.20 -6.23
C SER B 137 -18.69 10.99 -7.73
N LEU B 138 -19.63 10.30 -8.36
CA LEU B 138 -19.62 10.05 -9.80
C LEU B 138 -19.81 11.39 -10.48
N SER B 139 -20.66 12.22 -9.90
CA SER B 139 -20.96 13.50 -10.49
C SER B 139 -19.69 14.36 -10.50
N SER B 140 -18.91 14.30 -9.42
CA SER B 140 -17.65 15.06 -9.36
C SER B 140 -16.65 14.58 -10.44
N ASN B 141 -16.58 13.27 -10.65
CA ASN B 141 -15.65 12.69 -11.62
C ASN B 141 -16.04 13.19 -13.00
N LEU B 142 -17.34 13.23 -13.27
CA LEU B 142 -17.83 13.71 -14.54
C LEU B 142 -17.47 15.16 -14.67
N ASN B 143 -17.61 15.90 -13.58
CA ASN B 143 -17.32 17.31 -13.61
C ASN B 143 -15.86 17.52 -13.92
N ALA B 144 -15.02 16.67 -13.33
CA ALA B 144 -13.59 16.78 -13.54
C ALA B 144 -13.19 16.51 -14.99
N VAL B 145 -13.79 15.50 -15.61
CA VAL B 145 -13.48 15.16 -16.99
C VAL B 145 -13.83 16.24 -17.98
N MET B 146 -15.00 16.83 -17.78
CA MET B 146 -15.51 17.91 -18.61
C MET B 146 -14.64 19.15 -18.49
N PHE B 147 -14.19 19.41 -17.26
CA PHE B 147 -13.37 20.58 -17.01
C PHE B 147 -12.06 20.45 -17.80
N TRP B 148 -11.48 19.25 -17.79
CA TRP B 148 -10.25 19.01 -18.52
C TRP B 148 -10.46 19.14 -20.03
N LEU B 149 -11.59 18.64 -20.50
CA LEU B 149 -11.90 18.67 -21.93
C LEU B 149 -12.00 20.11 -22.37
N GLU B 150 -12.60 20.96 -21.55
CA GLU B 150 -12.73 22.34 -21.96
C GLU B 150 -11.39 23.05 -22.04
N LYS B 151 -10.52 22.79 -21.08
CA LYS B 151 -9.20 23.40 -21.02
C LYS B 151 -8.31 23.04 -22.19
N HIS B 152 -8.38 21.79 -22.60
CA HIS B 152 -7.62 21.35 -23.75
C HIS B 152 -8.49 21.26 -24.98
N GLU B 153 -9.42 22.21 -25.12
CA GLU B 153 -10.30 22.23 -26.29
C GLU B 153 -9.51 22.83 -27.47
N ASN B 154 -8.87 23.98 -27.24
CA ASN B 154 -8.11 24.65 -28.27
C ASN B 154 -6.63 24.26 -28.27
N ASP B 155 -6.36 22.97 -28.17
CA ASP B 155 -4.98 22.53 -28.16
C ASP B 155 -4.57 22.22 -29.60
N VAL B 156 -3.27 22.04 -29.84
CA VAL B 156 -2.78 21.78 -31.20
C VAL B 156 -1.81 20.62 -31.31
N ALA B 157 -1.46 20.29 -32.55
CA ALA B 157 -0.53 19.20 -32.82
C ALA B 157 -0.88 17.89 -32.12
N GLU B 158 0.04 17.39 -31.30
CA GLU B 158 -0.15 16.13 -30.60
C GLU B 158 -1.02 16.21 -29.35
N LYS B 159 -1.02 17.38 -28.72
CA LYS B 159 -1.82 17.58 -27.53
C LYS B 159 -3.28 17.44 -27.92
N LEU B 160 -3.62 17.96 -29.09
CA LEU B 160 -4.99 17.94 -29.63
C LEU B 160 -5.44 16.50 -29.86
N LYS B 161 -4.51 15.68 -30.35
CA LYS B 161 -4.78 14.29 -30.65
C LYS B 161 -5.15 13.60 -29.35
N VAL B 162 -4.45 13.97 -28.27
CA VAL B 162 -4.74 13.40 -26.96
C VAL B 162 -6.15 13.81 -26.57
N TYR B 163 -6.50 15.05 -26.83
CA TYR B 163 -7.84 15.52 -26.48
C TYR B 163 -8.90 14.82 -27.30
N LYS B 164 -8.61 14.65 -28.59
CA LYS B 164 -9.55 14.03 -29.48
C LYS B 164 -9.75 12.58 -29.11
N ARG B 165 -8.68 11.89 -28.73
CA ARG B 165 -8.84 10.49 -28.39
C ARG B 165 -9.74 10.41 -27.15
N ARG B 166 -9.52 11.31 -26.20
CA ARG B 166 -10.32 11.40 -24.97
C ARG B 166 -11.76 11.84 -25.13
N LEU B 167 -11.98 12.80 -26.02
CA LEU B 167 -13.32 13.31 -26.25
C LEU B 167 -14.19 12.19 -26.81
N ASP B 168 -13.62 11.41 -27.72
CA ASP B 168 -14.34 10.30 -28.34
C ASP B 168 -14.84 9.37 -27.24
N LEU B 169 -13.90 8.85 -26.46
CA LEU B 169 -14.20 7.93 -25.37
C LEU B 169 -15.21 8.49 -24.36
N PHE B 170 -14.95 9.69 -23.84
CA PHE B 170 -15.86 10.26 -22.87
C PHE B 170 -17.26 10.35 -23.42
N THR B 171 -17.37 10.41 -24.73
CA THR B 171 -18.69 10.52 -25.35
C THR B 171 -19.48 9.26 -25.01
N ILE B 172 -18.80 8.12 -25.05
CA ILE B 172 -19.45 6.84 -24.77
C ILE B 172 -19.93 6.86 -23.34
N VAL B 173 -19.12 7.38 -22.43
CA VAL B 173 -19.52 7.41 -21.04
C VAL B 173 -20.71 8.34 -20.87
N ALA B 174 -20.64 9.48 -21.55
CA ALA B 174 -21.69 10.50 -21.46
C ALA B 174 -23.00 10.05 -22.07
N SER B 175 -22.94 9.57 -23.31
CA SER B 175 -24.14 9.13 -23.99
C SER B 175 -24.91 8.07 -23.21
N THR B 176 -24.18 7.07 -22.73
CA THR B 176 -24.79 6.00 -21.96
C THR B 176 -25.38 6.52 -20.64
N ILE B 177 -24.64 7.40 -19.96
CA ILE B 177 -25.11 7.94 -18.69
C ILE B 177 -26.37 8.77 -18.86
N ASN B 178 -26.43 9.54 -19.94
CA ASN B 178 -27.55 10.43 -20.18
C ASN B 178 -28.86 9.69 -20.38
N LYS B 179 -28.80 8.56 -21.09
CA LYS B 179 -29.99 7.75 -21.33
C LYS B 179 -30.75 7.45 -20.03
N TYR B 180 -30.06 7.47 -18.88
CA TYR B 180 -30.71 7.19 -17.60
C TYR B 180 -30.56 8.34 -16.61
N GLY B 181 -29.75 9.34 -16.99
CA GLY B 181 -29.51 10.46 -16.12
C GLY B 181 -28.31 10.16 -15.24
N VAL B 182 -27.87 11.15 -14.48
CA VAL B 182 -26.72 10.94 -13.62
C VAL B 182 -27.14 10.49 -12.21
N PRO B 183 -26.70 9.31 -11.79
CA PRO B 183 -27.01 8.74 -10.47
C PRO B 183 -26.57 9.67 -9.35
N ARG B 184 -27.51 10.10 -8.51
CA ARG B 184 -27.18 11.00 -7.41
C ARG B 184 -26.81 10.27 -6.13
N HIS B 185 -25.72 10.73 -5.52
CA HIS B 185 -25.20 10.13 -4.30
C HIS B 185 -25.72 10.77 -3.02
N ASN B 186 -25.57 10.04 -1.92
CA ASN B 186 -26.00 10.53 -0.64
C ASN B 186 -24.81 11.03 0.16
N ALA B 187 -25.11 11.49 1.36
CA ALA B 187 -24.12 12.02 2.29
C ALA B 187 -22.89 11.14 2.47
N LYS B 188 -23.10 9.83 2.46
CA LYS B 188 -22.01 8.88 2.64
C LYS B 188 -21.46 8.37 1.30
N TYR B 189 -21.74 9.12 0.25
CA TYR B 189 -21.28 8.78 -1.10
C TYR B 189 -21.69 7.39 -1.57
N ARG B 190 -22.89 6.97 -1.17
CA ARG B 190 -23.42 5.66 -1.57
C ARG B 190 -24.56 5.87 -2.55
N TYR B 191 -24.89 4.84 -3.32
CA TYR B 191 -25.97 4.98 -4.28
C TYR B 191 -27.11 4.09 -3.83
N GLU B 192 -28.19 4.74 -3.37
CA GLU B 192 -29.36 4.04 -2.85
C GLU B 192 -30.33 3.51 -3.90
N TYR B 193 -31.26 2.69 -3.43
CA TYR B 193 -32.23 2.07 -4.32
C TYR B 193 -33.09 2.99 -5.16
N ASP B 194 -33.52 4.13 -4.62
CA ASP B 194 -34.38 4.94 -5.44
C ASP B 194 -33.67 5.47 -6.67
N VAL B 195 -32.44 5.95 -6.50
CA VAL B 195 -31.66 6.44 -7.63
C VAL B 195 -31.30 5.32 -8.61
N MET B 196 -30.90 4.21 -8.01
CA MET B 196 -30.47 2.98 -8.69
C MET B 196 -31.40 2.10 -9.53
N LYS B 197 -32.65 1.93 -9.07
CA LYS B 197 -33.59 1.00 -9.67
C LYS B 197 -33.90 1.34 -11.11
N ASP B 198 -34.03 2.62 -11.45
CA ASP B 198 -34.24 2.97 -12.86
C ASP B 198 -33.02 2.62 -13.75
N LYS B 199 -31.79 2.93 -13.29
CA LYS B 199 -30.56 2.69 -14.05
C LYS B 199 -29.93 1.30 -13.94
N PRO B 200 -29.11 0.90 -14.94
CA PRO B 200 -28.44 -0.41 -14.93
C PRO B 200 -27.57 -0.54 -13.67
N TYR B 201 -27.80 -1.60 -12.89
CA TYR B 201 -27.05 -1.78 -11.65
C TYR B 201 -25.59 -1.31 -11.67
N TYR B 202 -24.81 -1.83 -12.61
CA TYR B 202 -23.41 -1.47 -12.70
C TYR B 202 -23.09 -0.16 -13.39
N LEU B 203 -24.06 0.73 -13.51
CA LEU B 203 -23.81 1.97 -14.18
C LEU B 203 -22.72 2.82 -13.60
N VAL B 204 -22.87 3.14 -12.32
CA VAL B 204 -21.91 4.01 -11.66
C VAL B 204 -20.50 3.46 -11.53
N THR B 205 -20.37 2.19 -11.19
CA THR B 205 -19.02 1.66 -11.03
C THR B 205 -18.31 1.67 -12.37
N TRP B 206 -19.04 1.31 -13.42
CA TRP B 206 -18.50 1.27 -14.76
C TRP B 206 -18.08 2.66 -15.24
N ALA B 207 -18.88 3.67 -14.93
CA ALA B 207 -18.52 5.00 -15.36
C ALA B 207 -17.22 5.39 -14.68
N ASN B 208 -17.09 5.04 -13.40
CA ASN B 208 -15.88 5.41 -12.67
C ASN B 208 -14.66 4.72 -13.26
N SER B 209 -14.80 3.45 -13.60
CA SER B 209 -13.68 2.75 -14.19
C SER B 209 -13.32 3.32 -15.55
N SER B 210 -14.32 3.63 -16.35
CA SER B 210 -14.11 4.21 -17.69
C SER B 210 -13.51 5.60 -17.71
N ILE B 211 -13.97 6.43 -16.78
CA ILE B 211 -13.46 7.78 -16.68
C ILE B 211 -11.98 7.71 -16.27
N GLU B 212 -11.68 6.83 -15.34
CA GLU B 212 -10.34 6.66 -14.86
C GLU B 212 -9.46 6.14 -16.00
N MET B 213 -9.97 5.21 -16.78
CA MET B 213 -9.22 4.69 -17.92
C MET B 213 -9.00 5.70 -19.05
N LEU B 214 -10.01 6.49 -19.36
CA LEU B 214 -9.91 7.46 -20.46
C LEU B 214 -9.06 8.67 -20.14
N MET B 215 -8.94 9.00 -18.86
CA MET B 215 -8.12 10.13 -18.43
C MET B 215 -6.65 9.72 -18.28
N SER B 216 -6.35 8.48 -18.64
CA SER B 216 -5.00 7.92 -18.55
C SER B 216 -4.56 7.56 -19.96
N VAL B 217 -5.31 8.06 -20.93
CA VAL B 217 -5.06 7.81 -22.35
C VAL B 217 -4.28 8.94 -22.99
N PHE B 218 -3.18 8.58 -23.64
CA PHE B 218 -2.33 9.56 -24.32
C PHE B 218 -2.08 9.14 -25.77
N SER B 219 -1.33 8.07 -25.95
CA SER B 219 -1.03 7.59 -27.30
C SER B 219 -2.26 6.94 -27.97
N HIS B 220 -2.15 6.70 -29.28
CA HIS B 220 -3.25 6.10 -30.01
C HIS B 220 -3.53 4.70 -29.43
N ASP B 221 -2.47 4.03 -29.00
CA ASP B 221 -2.58 2.72 -28.41
C ASP B 221 -3.37 2.79 -27.10
N ASP B 222 -3.15 3.83 -26.31
CA ASP B 222 -3.88 3.97 -25.06
C ASP B 222 -5.35 4.11 -25.44
N TYR B 223 -5.62 4.89 -26.48
CA TYR B 223 -6.99 5.10 -26.92
C TYR B 223 -7.65 3.82 -27.41
N LEU B 224 -6.91 3.02 -28.15
CA LEU B 224 -7.51 1.79 -28.65
C LEU B 224 -7.85 0.86 -27.50
N ILE B 225 -6.94 0.76 -26.54
CA ILE B 225 -7.14 -0.09 -25.37
C ILE B 225 -8.26 0.36 -24.47
N ALA B 226 -8.33 1.66 -24.24
CA ALA B 226 -9.36 2.18 -23.36
C ALA B 226 -10.74 1.96 -23.95
N LYS B 227 -10.87 2.13 -25.26
CA LYS B 227 -12.16 1.97 -25.90
C LYS B 227 -12.66 0.54 -25.84
N GLU B 228 -11.78 -0.41 -26.08
CA GLU B 228 -12.22 -1.78 -26.05
C GLU B 228 -12.63 -2.20 -24.64
N LEU B 229 -11.82 -1.82 -23.66
CA LEU B 229 -12.06 -2.18 -22.28
C LEU B 229 -13.33 -1.53 -21.76
N ILE B 230 -13.55 -0.29 -22.15
CA ILE B 230 -14.74 0.41 -21.74
C ILE B 230 -16.00 -0.26 -22.28
N VAL B 231 -16.04 -0.55 -23.58
CA VAL B 231 -17.22 -1.18 -24.16
C VAL B 231 -17.48 -2.61 -23.69
N LEU B 232 -16.43 -3.39 -23.57
CA LEU B 232 -16.53 -4.77 -23.13
C LEU B 232 -16.97 -4.92 -21.67
N SER B 233 -16.44 -4.00 -20.86
CA SER B 233 -16.60 -3.90 -19.41
C SER B 233 -18.07 -3.66 -19.03
N TYR B 234 -18.78 -2.87 -19.83
CA TYR B 234 -20.16 -2.51 -19.57
C TYR B 234 -20.99 -3.81 -19.58
N SER B 235 -20.71 -4.74 -20.48
CA SER B 235 -21.44 -6.02 -20.47
C SER B 235 -20.73 -7.12 -19.66
N ASN B 236 -19.42 -7.26 -19.84
CA ASN B 236 -18.64 -8.28 -19.15
C ASN B 236 -18.08 -7.79 -17.82
N ARG B 237 -18.57 -8.35 -16.72
CA ARG B 237 -18.10 -7.96 -15.38
C ARG B 237 -17.44 -9.13 -14.65
N SER B 238 -16.87 -10.08 -15.38
CA SER B 238 -16.29 -11.23 -14.70
C SER B 238 -15.08 -11.93 -15.32
N THR B 239 -14.94 -11.86 -16.64
CA THR B 239 -13.80 -12.52 -17.28
C THR B 239 -12.98 -11.63 -18.20
N LEU B 240 -13.37 -10.37 -18.32
CA LEU B 240 -12.65 -9.51 -19.22
C LEU B 240 -11.21 -9.24 -18.80
N ALA B 241 -10.97 -8.98 -17.51
CA ALA B 241 -9.62 -8.72 -17.02
C ALA B 241 -8.74 -9.97 -17.11
N LYS B 242 -9.32 -11.10 -16.75
CA LYS B 242 -8.60 -12.37 -16.77
C LYS B 242 -8.25 -12.76 -18.21
N LEU B 243 -9.20 -12.55 -19.13
CA LEU B 243 -8.98 -12.86 -20.54
C LEU B 243 -7.91 -11.96 -21.17
N VAL B 244 -7.99 -10.68 -20.84
CA VAL B 244 -7.04 -9.67 -21.30
C VAL B 244 -5.63 -9.82 -20.77
N SER B 245 -5.49 -10.18 -19.51
CA SER B 245 -4.17 -10.30 -18.92
C SER B 245 -3.65 -11.73 -18.83
N SER B 246 -4.33 -12.67 -19.44
CA SER B 246 -3.85 -14.03 -19.32
C SER B 246 -2.67 -14.43 -20.24
N PRO B 247 -2.56 -13.84 -21.45
CA PRO B 247 -1.50 -14.12 -22.43
C PRO B 247 -0.11 -13.71 -21.95
N MET B 248 -0.06 -12.92 -20.89
CA MET B 248 1.20 -12.40 -20.36
C MET B 248 2.09 -13.51 -19.87
N SER B 249 1.51 -14.54 -19.26
CA SER B 249 2.31 -15.62 -18.75
C SER B 249 3.05 -16.33 -19.90
N ILE B 250 2.38 -16.53 -21.03
CA ILE B 250 3.04 -17.14 -22.19
C ILE B 250 4.15 -16.27 -22.83
N LEU B 251 3.89 -14.97 -22.88
CA LEU B 251 4.73 -13.93 -23.52
C LEU B 251 6.12 -13.75 -22.91
N VAL B 252 6.21 -13.85 -21.59
CA VAL B 252 7.47 -13.63 -20.90
C VAL B 252 8.40 -14.71 -21.42
N ALA B 253 7.89 -15.91 -21.64
CA ALA B 253 8.73 -16.99 -22.12
C ALA B 253 9.31 -16.71 -23.53
N LEU B 254 8.53 -16.11 -24.43
CA LEU B 254 8.99 -15.80 -25.77
C LEU B 254 10.25 -14.89 -26.00
N VAL B 255 10.23 -13.66 -25.50
CA VAL B 255 11.37 -12.74 -25.70
C VAL B 255 12.76 -13.21 -25.27
N ASP B 256 13.74 -12.98 -26.15
CA ASP B 256 15.14 -13.37 -25.90
C ASP B 256 15.83 -12.43 -24.90
N ILE B 257 16.86 -12.93 -24.23
CA ILE B 257 17.62 -12.12 -23.28
C ILE B 257 18.91 -11.60 -23.95
N ASN B 258 19.02 -10.29 -24.10
CA ASN B 258 20.20 -9.63 -24.68
C ASN B 258 20.77 -8.69 -23.63
N GLY B 259 21.43 -9.22 -22.62
CA GLY B 259 21.98 -8.36 -21.60
C GLY B 259 20.97 -8.03 -20.53
N THR B 260 21.23 -8.50 -19.32
CA THR B 260 20.33 -8.30 -18.17
C THR B 260 21.13 -8.07 -16.90
N PHE B 261 20.43 -7.73 -15.81
CA PHE B 261 21.10 -7.53 -14.54
C PHE B 261 20.94 -8.76 -13.67
N ILE B 262 22.01 -9.12 -12.96
CA ILE B 262 21.99 -10.28 -12.07
C ILE B 262 22.41 -9.91 -10.67
N THR B 263 22.41 -10.89 -9.80
CA THR B 263 22.78 -10.69 -8.40
C THR B 263 24.15 -11.29 -8.16
N ASN B 264 25.01 -10.56 -7.46
CA ASN B 264 26.34 -11.08 -7.19
C ASN B 264 26.46 -11.41 -5.71
N GLU B 265 27.63 -11.90 -5.31
CA GLU B 265 27.89 -12.29 -3.93
C GLU B 265 27.55 -11.23 -2.88
N GLU B 266 27.62 -9.97 -3.27
CA GLU B 266 27.32 -8.85 -2.38
C GLU B 266 25.82 -8.54 -2.41
N LEU B 267 25.05 -9.45 -2.99
CA LEU B 267 23.62 -9.27 -3.12
C LEU B 267 23.26 -7.91 -3.67
N GLU B 268 23.85 -7.57 -4.81
CA GLU B 268 23.58 -6.30 -5.46
C GLU B 268 23.50 -6.47 -6.99
N LEU B 269 22.67 -5.65 -7.63
CA LEU B 269 22.50 -5.71 -9.08
C LEU B 269 23.81 -5.40 -9.82
N GLU B 270 24.13 -6.23 -10.79
CA GLU B 270 25.33 -6.09 -11.60
C GLU B 270 24.98 -6.44 -13.04
N PHE B 271 25.38 -5.61 -14.00
CA PHE B 271 25.06 -5.89 -15.39
C PHE B 271 25.86 -7.03 -16.00
N SER B 272 25.15 -7.87 -16.77
CA SER B 272 25.74 -9.03 -17.47
C SER B 272 25.23 -8.98 -18.91
N ASN B 273 26.16 -8.83 -19.84
CA ASN B 273 25.84 -8.73 -21.26
C ASN B 273 25.48 -10.04 -21.97
N LYS B 274 25.29 -11.11 -21.19
CA LYS B 274 24.94 -12.44 -21.73
C LYS B 274 23.69 -12.51 -22.61
N TYR B 275 23.60 -13.59 -23.38
CA TYR B 275 22.49 -13.83 -24.30
C TYR B 275 21.86 -15.17 -23.95
N VAL B 276 20.54 -15.20 -23.84
CA VAL B 276 19.86 -16.45 -23.54
C VAL B 276 18.77 -16.62 -24.59
N ARG B 277 18.81 -17.77 -25.25
CA ARG B 277 17.85 -18.11 -26.30
C ARG B 277 16.49 -18.55 -25.75
N ALA B 278 15.44 -17.83 -26.11
CA ALA B 278 14.11 -18.16 -25.65
C ALA B 278 13.70 -19.42 -26.37
N ILE B 279 13.61 -20.52 -25.63
CA ILE B 279 13.19 -21.77 -26.22
C ILE B 279 11.72 -22.06 -25.90
N VAL B 280 10.92 -22.23 -26.94
CA VAL B 280 9.48 -22.47 -26.79
C VAL B 280 8.91 -23.65 -27.59
N PRO B 281 8.31 -24.65 -26.90
CA PRO B 281 7.72 -25.82 -27.58
C PRO B 281 6.43 -25.43 -28.29
N ASP B 282 6.23 -26.00 -29.47
CA ASP B 282 5.06 -25.73 -30.31
C ASP B 282 3.72 -25.75 -29.56
N GLN B 283 3.65 -26.57 -28.51
CA GLN B 283 2.44 -26.74 -27.69
C GLN B 283 2.13 -25.41 -27.01
N THR B 284 3.17 -24.72 -26.57
CA THR B 284 3.03 -23.47 -25.85
C THR B 284 2.36 -22.48 -26.80
N PHE B 285 2.76 -22.52 -28.06
CA PHE B 285 2.17 -21.62 -29.04
C PHE B 285 0.67 -21.90 -29.21
N ASP B 286 0.28 -23.17 -29.20
CA ASP B 286 -1.13 -23.51 -29.32
C ASP B 286 -1.90 -22.98 -28.10
N GLU B 287 -1.29 -23.10 -26.91
CA GLU B 287 -1.96 -22.66 -25.68
C GLU B 287 -2.15 -21.16 -25.77
N LEU B 288 -1.14 -20.45 -26.25
CA LEU B 288 -1.22 -18.99 -26.39
C LEU B 288 -2.30 -18.65 -27.40
N ASN B 289 -2.38 -19.44 -28.45
CA ASN B 289 -3.40 -19.22 -29.47
C ASN B 289 -4.80 -19.43 -28.89
N GLN B 290 -4.96 -20.45 -28.04
CA GLN B 290 -6.26 -20.72 -27.47
C GLN B 290 -6.62 -19.50 -26.66
N MET B 291 -5.65 -18.92 -25.95
CA MET B 291 -5.93 -17.74 -25.15
C MET B 291 -6.36 -16.57 -26.03
N LEU B 292 -5.68 -16.39 -27.17
CA LEU B 292 -6.02 -15.30 -28.07
C LEU B 292 -7.41 -15.49 -28.67
N ASP B 293 -7.74 -16.73 -29.03
CA ASP B 293 -9.05 -17.05 -29.60
C ASP B 293 -10.14 -16.77 -28.58
N ASN B 294 -9.85 -17.11 -27.33
CA ASN B 294 -10.78 -16.93 -26.23
C ASN B 294 -11.02 -15.44 -26.05
N MET B 295 -9.98 -14.65 -26.19
CA MET B 295 -10.17 -13.23 -26.04
C MET B 295 -11.09 -12.83 -27.15
N ARG B 296 -10.86 -13.38 -28.34
CA ARG B 296 -11.65 -13.04 -29.52
C ARG B 296 -13.12 -13.44 -29.42
N LYS B 297 -13.39 -14.62 -28.88
CA LYS B 297 -14.77 -15.08 -28.72
C LYS B 297 -15.51 -14.19 -27.73
N ALA B 298 -14.78 -13.39 -26.96
CA ALA B 298 -15.40 -12.52 -25.97
C ALA B 298 -15.70 -11.13 -26.47
N GLY B 299 -15.48 -10.90 -27.76
CA GLY B 299 -15.77 -9.61 -28.35
C GLY B 299 -14.55 -8.78 -28.64
N LEU B 300 -13.44 -9.13 -28.01
CA LEU B 300 -12.19 -8.41 -28.19
C LEU B 300 -11.64 -8.52 -29.60
N VAL B 301 -11.14 -7.40 -30.13
CA VAL B 301 -10.60 -7.37 -31.48
C VAL B 301 -9.23 -6.70 -31.60
N ASP B 302 -9.18 -5.43 -31.17
CA ASP B 302 -7.98 -4.62 -31.20
C ASP B 302 -6.87 -5.16 -30.29
N ILE B 303 -7.22 -5.60 -29.09
CA ILE B 303 -6.25 -6.11 -28.13
C ILE B 303 -5.58 -7.41 -28.59
N PRO B 304 -6.35 -8.34 -29.14
CA PRO B 304 -5.82 -9.61 -29.64
C PRO B 304 -4.89 -9.38 -30.83
N LYS B 305 -5.28 -8.44 -31.70
CA LYS B 305 -4.49 -8.12 -32.87
C LYS B 305 -3.14 -7.56 -32.46
N MET B 306 -3.11 -6.74 -31.40
CA MET B 306 -1.84 -6.14 -30.99
C MET B 306 -0.86 -7.21 -30.53
N ILE B 307 -1.36 -8.19 -29.77
CA ILE B 307 -0.51 -9.29 -29.29
C ILE B 307 -0.02 -10.09 -30.49
N GLN B 308 -0.91 -10.27 -31.45
CA GLN B 308 -0.59 -11.01 -32.65
C GLN B 308 0.51 -10.32 -33.48
N ASP B 309 0.45 -8.98 -33.57
CA ASP B 309 1.44 -8.21 -34.33
C ASP B 309 2.80 -8.33 -33.64
N TRP B 310 2.78 -8.23 -32.32
CA TRP B 310 3.98 -8.30 -31.51
C TRP B 310 4.60 -9.68 -31.66
N LEU B 311 3.76 -10.70 -31.71
CA LEU B 311 4.21 -12.07 -31.87
C LEU B 311 5.02 -12.43 -33.14
N VAL B 312 5.05 -11.57 -34.15
CA VAL B 312 5.81 -11.90 -35.36
C VAL B 312 7.32 -11.96 -35.12
N ASP B 313 7.85 -10.97 -34.39
CA ASP B 313 9.26 -10.90 -34.08
C ASP B 313 9.58 -11.09 -32.57
N ARG B 314 8.67 -10.66 -31.69
CA ARG B 314 8.83 -10.77 -30.23
C ARG B 314 10.02 -9.98 -29.72
N SER B 315 10.05 -8.69 -30.02
CA SER B 315 11.16 -7.85 -29.61
C SER B 315 10.95 -7.20 -28.27
N ILE B 316 11.92 -7.33 -27.39
CA ILE B 316 11.81 -6.71 -26.10
C ILE B 316 11.67 -5.21 -26.29
N GLU B 317 11.92 -4.74 -27.52
CA GLU B 317 11.83 -3.33 -27.82
C GLU B 317 10.40 -2.89 -28.07
N LYS B 318 9.57 -3.82 -28.49
CA LYS B 318 8.17 -3.52 -28.75
C LYS B 318 7.30 -4.19 -27.68
N PHE B 319 7.95 -4.71 -26.64
CA PHE B 319 7.27 -5.39 -25.55
C PHE B 319 6.49 -4.44 -24.65
N PRO B 320 6.91 -3.17 -24.56
CA PRO B 320 6.18 -2.21 -23.72
C PRO B 320 4.67 -2.24 -23.95
N LEU B 321 4.26 -2.55 -25.18
CA LEU B 321 2.84 -2.62 -25.49
C LEU B 321 2.15 -3.76 -24.73
N MET B 322 2.82 -4.91 -24.67
CA MET B 322 2.25 -6.07 -23.98
C MET B 322 2.09 -5.79 -22.49
N ALA B 323 3.07 -5.09 -21.91
CA ALA B 323 3.10 -4.67 -20.51
C ALA B 323 2.01 -3.66 -20.24
N LYS B 324 1.81 -2.77 -21.21
CA LYS B 324 0.81 -1.72 -21.11
C LYS B 324 -0.59 -2.33 -21.03
N ILE B 325 -0.82 -3.36 -21.83
CA ILE B 325 -2.11 -4.04 -21.83
C ILE B 325 -2.38 -4.78 -20.51
N TYR B 326 -1.34 -5.41 -19.97
CA TYR B 326 -1.44 -6.19 -18.75
C TYR B 326 -1.82 -5.29 -17.58
N SER B 327 -1.20 -4.11 -17.51
CA SER B 327 -1.48 -3.13 -16.46
C SER B 327 -2.90 -2.59 -16.61
N TRP B 328 -3.28 -2.39 -17.87
CA TRP B 328 -4.55 -1.82 -18.26
C TRP B 328 -5.77 -2.64 -17.89
N SER B 329 -5.68 -3.95 -17.99
CA SER B 329 -6.85 -4.73 -17.79
C SER B 329 -7.35 -4.53 -16.37
N PHE B 330 -6.48 -4.46 -15.39
CA PHE B 330 -6.94 -4.28 -14.00
C PHE B 330 -7.84 -3.08 -13.74
N HIS B 331 -7.85 -2.10 -14.63
CA HIS B 331 -8.66 -0.90 -14.45
C HIS B 331 -10.13 -0.99 -14.87
N VAL B 332 -10.61 -2.21 -15.04
CA VAL B 332 -12.00 -2.45 -15.41
C VAL B 332 -12.85 -2.40 -14.13
N GLY B 333 -12.18 -2.57 -12.99
CA GLY B 333 -12.86 -2.53 -11.72
C GLY B 333 -12.72 -3.86 -11.02
N PHE B 334 -13.18 -3.89 -9.77
CA PHE B 334 -13.13 -5.10 -8.93
C PHE B 334 -14.27 -6.08 -9.22
N ARG B 335 -14.01 -7.37 -9.06
CA ARG B 335 -15.04 -8.36 -9.27
C ARG B 335 -15.66 -8.67 -7.91
N LYS B 336 -16.82 -8.07 -7.67
CA LYS B 336 -17.52 -8.25 -6.42
C LYS B 336 -18.75 -9.15 -6.56
N GLN B 337 -18.54 -10.42 -6.19
CA GLN B 337 -19.57 -11.45 -6.22
C GLN B 337 -20.34 -11.48 -4.91
N LYS B 338 -21.21 -12.47 -4.77
CA LYS B 338 -21.99 -12.68 -3.56
C LYS B 338 -21.18 -13.62 -2.69
N MET B 339 -21.14 -13.36 -1.39
CA MET B 339 -20.38 -14.18 -0.49
C MET B 339 -20.50 -15.68 -0.71
N LEU B 340 -21.72 -16.16 -0.95
CA LEU B 340 -21.93 -17.59 -1.13
C LEU B 340 -21.27 -18.17 -2.38
N ASP B 341 -21.31 -17.42 -3.46
CA ASP B 341 -20.69 -17.88 -4.69
C ASP B 341 -19.19 -17.95 -4.52
N ALA B 342 -18.62 -16.96 -3.82
CA ALA B 342 -17.17 -16.88 -3.61
C ALA B 342 -16.75 -18.08 -2.80
N ALA B 343 -17.57 -18.38 -1.81
CA ALA B 343 -17.43 -19.51 -0.92
C ALA B 343 -17.60 -20.88 -1.60
N LEU B 344 -18.55 -20.94 -2.53
CA LEU B 344 -18.93 -22.19 -3.18
C LEU B 344 -17.90 -22.90 -4.03
N ASP B 345 -17.14 -22.18 -4.85
CA ASP B 345 -16.15 -22.85 -5.71
C ASP B 345 -15.43 -24.02 -5.00
N GLN B 346 -15.16 -23.88 -3.71
CA GLN B 346 -14.47 -24.91 -2.92
C GLN B 346 -15.32 -26.16 -2.70
N GLU B 358 -2.85 -40.14 0.09
CA GLU B 358 -1.96 -41.27 -0.12
C GLU B 358 -0.63 -40.83 -0.75
N MET B 359 -0.68 -39.78 -1.59
CA MET B 359 0.51 -39.25 -2.25
C MET B 359 0.94 -37.91 -1.65
N TYR B 360 0.26 -37.51 -0.59
CA TYR B 360 0.58 -36.27 0.10
C TYR B 360 1.50 -36.61 1.24
N ARG B 361 1.97 -37.85 1.28
CA ARG B 361 2.83 -38.27 2.38
C ARG B 361 4.15 -37.49 2.33
N GLU B 362 4.70 -37.33 1.13
CA GLU B 362 5.92 -36.56 0.99
C GLU B 362 5.70 -35.09 1.32
N TYR B 363 4.59 -34.56 0.84
CA TYR B 363 4.22 -33.16 1.00
C TYR B 363 3.96 -32.80 2.45
N THR B 364 3.26 -33.67 3.16
CA THR B 364 2.99 -33.41 4.57
C THR B 364 4.29 -33.44 5.38
N MET B 365 5.17 -34.37 5.05
CA MET B 365 6.43 -34.55 5.79
C MET B 365 7.32 -33.31 5.67
N LEU B 366 7.40 -32.74 4.48
CA LEU B 366 8.21 -31.54 4.28
C LEU B 366 7.65 -30.37 5.04
N ILE B 367 6.33 -30.25 5.07
CA ILE B 367 5.68 -29.16 5.81
C ILE B 367 5.96 -29.38 7.29
N ARG B 368 5.89 -30.63 7.73
CA ARG B 368 6.15 -30.94 9.15
C ARG B 368 7.60 -30.66 9.52
N ASP B 369 8.54 -31.04 8.65
CA ASP B 369 9.95 -30.81 8.91
C ASP B 369 10.30 -29.31 8.90
N GLU B 370 9.71 -28.56 7.99
CA GLU B 370 9.97 -27.14 7.86
C GLU B 370 9.51 -26.46 9.14
N VAL B 371 8.38 -26.89 9.67
CA VAL B 371 7.83 -26.31 10.89
C VAL B 371 8.78 -26.53 12.05
N VAL B 372 9.36 -27.72 12.10
CA VAL B 372 10.31 -28.06 13.16
C VAL B 372 11.60 -27.24 13.11
N LYS B 373 12.13 -26.98 11.91
CA LYS B 373 13.39 -26.21 11.83
C LYS B 373 13.20 -24.79 12.35
N MET B 374 12.08 -24.20 11.98
CA MET B 374 11.80 -22.83 12.36
C MET B 374 11.61 -22.65 13.86
N LEU B 375 11.48 -23.74 14.60
CA LEU B 375 11.26 -23.60 16.04
C LEU B 375 12.17 -24.44 16.92
N GLU B 376 12.89 -25.35 16.30
CA GLU B 376 13.80 -26.22 17.01
C GLU B 376 14.65 -25.46 18.02
N GLU B 377 15.43 -24.50 17.54
CA GLU B 377 16.30 -23.75 18.41
C GLU B 377 15.54 -22.95 19.42
N PRO B 378 14.45 -22.29 19.00
CA PRO B 378 13.77 -21.51 20.03
C PRO B 378 13.21 -22.38 21.14
N VAL B 379 12.63 -23.50 20.73
CA VAL B 379 12.05 -24.44 21.67
C VAL B 379 13.04 -25.15 22.61
N LYS B 380 14.19 -25.59 22.08
CA LYS B 380 15.14 -26.32 22.92
C LYS B 380 15.73 -25.44 24.02
N HIS B 381 16.07 -24.21 23.64
CA HIS B 381 16.60 -23.24 24.56
C HIS B 381 15.62 -22.79 25.62
N ASP B 382 14.36 -22.61 25.24
CA ASP B 382 13.31 -22.20 26.16
C ASP B 382 13.21 -20.72 26.02
N ASP B 383 13.14 -20.28 24.76
CA ASP B 383 13.04 -18.88 24.42
C ASP B 383 11.96 -18.20 25.28
N HIS B 384 12.27 -17.01 25.76
CA HIS B 384 11.36 -16.28 26.61
C HIS B 384 10.08 -15.94 25.87
N LEU B 385 10.22 -15.59 24.59
CA LEU B 385 9.06 -15.18 23.79
C LEU B 385 8.10 -16.37 23.67
N LEU B 386 8.61 -17.58 23.50
CA LEU B 386 7.70 -18.72 23.46
C LEU B 386 7.04 -18.88 24.84
N ARG B 387 7.81 -18.67 25.91
CA ARG B 387 7.26 -18.81 27.25
C ARG B 387 6.21 -17.74 27.57
N ASP B 388 6.44 -16.50 27.17
CA ASP B 388 5.49 -15.41 27.45
C ASP B 388 4.63 -15.14 26.23
N SER B 389 4.38 -16.20 25.47
CA SER B 389 3.59 -16.12 24.25
C SER B 389 2.27 -15.39 24.47
N GLU B 390 1.60 -15.69 25.57
CA GLU B 390 0.31 -15.04 25.79
C GLU B 390 0.46 -13.54 25.96
N LEU B 391 1.50 -13.13 26.67
CA LEU B 391 1.74 -11.72 26.89
C LEU B 391 2.01 -11.03 25.56
N ALA B 392 2.78 -11.71 24.71
CA ALA B 392 3.16 -11.17 23.41
C ALA B 392 1.94 -10.95 22.53
N GLY B 393 1.01 -11.90 22.59
CA GLY B 393 -0.20 -11.77 21.80
C GLY B 393 -1.01 -10.57 22.24
N LEU B 394 -1.07 -10.33 23.55
CA LEU B 394 -1.83 -9.20 24.09
C LEU B 394 -1.28 -7.85 23.70
N LEU B 395 0.05 -7.72 23.73
CA LEU B 395 0.66 -6.44 23.36
C LEU B 395 0.43 -6.16 21.87
N SER B 396 0.58 -7.23 21.08
CA SER B 396 0.39 -7.24 19.62
C SER B 396 -1.05 -7.00 19.19
N MET B 397 -1.99 -7.57 19.92
CA MET B 397 -3.43 -7.43 19.66
C MET B 397 -3.78 -6.11 18.96
N SER B 398 -4.59 -6.19 17.91
CA SER B 398 -4.99 -5.00 17.17
C SER B 398 -6.31 -4.45 17.71
N SER B 399 -7.07 -3.79 16.84
CA SER B 399 -8.38 -3.25 17.22
C SER B 399 -9.37 -3.55 16.10
N ALA B 400 -9.19 -4.72 15.48
CA ALA B 400 -10.02 -5.21 14.38
C ALA B 400 -11.19 -6.03 14.90
N SER B 401 -11.89 -6.71 14.00
CA SER B 401 -13.06 -7.50 14.36
C SER B 401 -12.77 -8.85 14.99
N ASN B 402 -13.54 -9.19 16.00
CA ASN B 402 -13.40 -10.45 16.70
C ASN B 402 -14.54 -11.34 16.19
N GLY B 403 -15.52 -10.71 15.54
CA GLY B 403 -16.65 -11.43 14.96
C GLY B 403 -18.06 -10.99 15.32
N GLU B 404 -18.39 -11.08 16.60
CA GLU B 404 -19.72 -10.73 17.11
C GLU B 404 -19.81 -9.33 17.69
N SER B 405 -20.99 -8.72 17.63
CA SER B 405 -21.14 -7.39 18.19
C SER B 405 -21.67 -7.48 19.62
N ARG B 406 -20.75 -7.53 20.58
CA ARG B 406 -21.09 -7.65 21.99
C ARG B 406 -21.53 -6.33 22.63
N GLN B 407 -22.31 -6.44 23.71
CA GLN B 407 -22.79 -5.26 24.45
C GLN B 407 -21.71 -5.02 25.49
N LEU B 408 -21.17 -3.80 25.52
CA LEU B 408 -20.11 -3.50 26.46
C LEU B 408 -20.34 -2.28 27.34
N LYS B 409 -20.10 -2.47 28.64
CA LYS B 409 -20.27 -1.41 29.62
C LYS B 409 -18.90 -0.94 30.10
N PHE B 410 -18.65 0.35 29.90
CA PHE B 410 -17.40 0.98 30.30
C PHE B 410 -17.70 2.09 31.27
N GLY B 411 -17.10 1.99 32.45
CA GLY B 411 -17.32 2.97 33.49
C GLY B 411 -18.80 3.09 33.82
N ARG B 412 -19.49 3.94 33.08
CA ARG B 412 -20.91 4.14 33.30
C ARG B 412 -21.60 4.25 31.95
N LYS B 413 -20.93 3.77 30.91
CA LYS B 413 -21.51 3.81 29.55
C LYS B 413 -21.71 2.45 28.88
N THR B 414 -22.94 2.20 28.48
CA THR B 414 -23.32 0.96 27.82
C THR B 414 -23.31 1.19 26.31
N ILE B 415 -22.29 0.63 25.64
CA ILE B 415 -22.16 0.76 24.21
C ILE B 415 -21.84 -0.61 23.59
N PHE B 416 -21.96 -0.72 22.27
CA PHE B 416 -21.65 -1.99 21.60
C PHE B 416 -20.53 -1.84 20.57
N SER B 417 -19.70 -2.88 20.46
CA SER B 417 -18.55 -2.91 19.56
C SER B 417 -18.14 -4.33 19.18
N THR B 418 -17.56 -4.47 17.99
CA THR B 418 -17.09 -5.76 17.48
C THR B 418 -15.57 -5.85 17.63
N LYS B 419 -14.97 -4.74 18.04
CA LYS B 419 -13.53 -4.63 18.23
C LYS B 419 -12.92 -5.68 19.15
N LYS B 420 -11.79 -6.22 18.72
CA LYS B 420 -11.03 -7.23 19.45
C LYS B 420 -10.45 -6.71 20.77
N ASN B 421 -9.96 -5.48 20.74
CA ASN B 421 -9.35 -4.92 21.92
C ASN B 421 -10.40 -4.74 23.01
N MET B 422 -11.57 -4.26 22.61
CA MET B 422 -12.68 -4.04 23.54
C MET B 422 -13.14 -5.38 24.14
N HIS B 423 -13.20 -6.41 23.32
CA HIS B 423 -13.64 -7.71 23.79
C HIS B 423 -12.70 -8.32 24.82
N VAL B 424 -11.40 -8.21 24.59
CA VAL B 424 -10.47 -8.77 25.55
C VAL B 424 -10.55 -8.03 26.89
N MET B 425 -10.69 -6.71 26.85
CA MET B 425 -10.75 -5.97 28.10
C MET B 425 -12.00 -6.27 28.92
N ASP B 426 -13.14 -6.35 28.26
CA ASP B 426 -14.40 -6.62 28.94
C ASP B 426 -14.37 -8.02 29.54
N ASP B 427 -13.85 -8.98 28.77
CA ASP B 427 -13.79 -10.35 29.26
C ASP B 427 -12.89 -10.53 30.47
N MET B 428 -11.75 -9.85 30.49
CA MET B 428 -10.84 -9.96 31.63
C MET B 428 -11.47 -9.39 32.90
N ALA B 429 -12.14 -8.26 32.75
CA ALA B 429 -12.79 -7.63 33.89
C ALA B 429 -13.98 -8.45 34.39
N ASN B 430 -14.26 -9.57 33.73
CA ASN B 430 -15.38 -10.42 34.14
C ASN B 430 -14.99 -11.87 34.19
N GLU B 431 -13.72 -12.13 34.54
CA GLU B 431 -13.24 -13.50 34.66
C GLU B 431 -13.52 -14.35 33.43
N ARG B 432 -14.10 -13.75 32.38
CA ARG B 432 -14.41 -14.47 31.14
C ARG B 432 -13.19 -14.64 30.20
N TYR B 433 -12.20 -13.77 30.35
CA TYR B 433 -10.99 -13.84 29.55
C TYR B 433 -10.35 -15.20 29.79
N THR B 434 -10.44 -16.09 28.81
CA THR B 434 -9.85 -17.42 28.96
C THR B 434 -9.14 -17.95 27.71
N PRO B 435 -7.88 -17.54 27.50
CA PRO B 435 -7.06 -17.95 26.35
C PRO B 435 -6.59 -19.39 26.45
N GLY B 436 -6.94 -20.04 27.55
CA GLY B 436 -6.54 -21.41 27.74
C GLY B 436 -7.50 -22.29 26.97
N ILE B 437 -8.70 -21.75 26.75
CA ILE B 437 -9.75 -22.46 26.02
C ILE B 437 -9.90 -21.83 24.63
N ILE B 438 -9.46 -22.58 23.62
CA ILE B 438 -9.55 -22.12 22.23
C ILE B 438 -10.88 -22.50 21.63
N PRO B 439 -11.83 -21.55 21.62
CA PRO B 439 -13.19 -21.69 21.10
C PRO B 439 -13.28 -22.51 19.84
N PRO B 440 -14.38 -23.25 19.68
CA PRO B 440 -14.59 -24.10 18.50
C PRO B 440 -15.06 -23.24 17.32
N VAL B 441 -14.84 -23.74 16.10
CA VAL B 441 -15.26 -23.02 14.91
C VAL B 441 -16.05 -23.96 14.02
N ASN B 442 -16.80 -24.85 14.65
CA ASN B 442 -17.62 -25.80 13.92
C ASN B 442 -19.09 -25.38 13.84
N VAL B 443 -19.95 -26.36 13.65
CA VAL B 443 -21.38 -26.11 13.51
C VAL B 443 -22.03 -25.37 14.66
N ASP B 444 -21.48 -25.49 15.87
CA ASP B 444 -22.05 -24.83 17.04
C ASP B 444 -21.62 -23.37 17.13
N LYS B 445 -20.38 -23.09 16.73
CA LYS B 445 -19.85 -21.73 16.72
C LYS B 445 -19.23 -21.48 15.33
N PRO B 446 -20.08 -21.22 14.32
CA PRO B 446 -19.63 -20.96 12.94
C PRO B 446 -18.76 -19.71 12.87
N ILE B 447 -17.75 -19.77 12.01
CA ILE B 447 -16.81 -18.69 11.77
C ILE B 447 -17.42 -17.54 10.99
N PRO B 448 -17.39 -16.32 11.54
CA PRO B 448 -17.95 -15.17 10.81
C PRO B 448 -17.03 -14.98 9.61
N LEU B 449 -17.53 -14.39 8.53
CA LEU B 449 -16.72 -14.26 7.34
C LEU B 449 -16.41 -12.86 6.85
N GLY B 450 -15.20 -12.71 6.35
CA GLY B 450 -14.74 -11.46 5.79
C GLY B 450 -14.40 -11.70 4.33
N ARG B 451 -14.28 -10.65 3.54
CA ARG B 451 -13.98 -10.82 2.14
C ARG B 451 -12.82 -10.01 1.63
N ARG B 452 -12.31 -10.42 0.48
CA ARG B 452 -11.19 -9.78 -0.17
C ARG B 452 -11.48 -9.72 -1.67
N ASP B 453 -11.61 -8.50 -2.19
CA ASP B 453 -11.90 -8.28 -3.61
C ASP B 453 -10.70 -7.78 -4.41
N VAL B 454 -10.49 -8.40 -5.56
CA VAL B 454 -9.37 -8.03 -6.43
C VAL B 454 -9.82 -8.02 -7.89
N PRO B 455 -9.29 -7.08 -8.69
CA PRO B 455 -9.70 -7.03 -10.10
C PRO B 455 -9.19 -8.23 -10.86
N GLY B 456 -9.99 -8.68 -11.82
CA GLY B 456 -9.62 -9.80 -12.66
C GLY B 456 -9.76 -11.19 -12.08
N ARG B 457 -9.40 -11.36 -10.81
CA ARG B 457 -9.47 -12.67 -10.18
C ARG B 457 -10.77 -12.82 -9.40
N ARG B 458 -11.07 -14.04 -8.96
CA ARG B 458 -12.28 -14.33 -8.20
C ARG B 458 -12.19 -13.93 -6.71
N THR B 459 -13.34 -13.57 -6.12
CA THR B 459 -13.42 -13.17 -4.71
C THR B 459 -13.08 -14.32 -3.77
N ARG B 460 -12.37 -14.00 -2.69
CA ARG B 460 -11.97 -14.99 -1.69
C ARG B 460 -12.51 -14.56 -0.33
N ILE B 461 -12.88 -15.55 0.48
CA ILE B 461 -13.42 -15.32 1.82
C ILE B 461 -12.30 -15.25 2.88
N ILE B 462 -12.63 -14.64 4.01
CA ILE B 462 -11.68 -14.47 5.11
C ILE B 462 -12.26 -14.83 6.48
N PHE B 463 -11.54 -15.70 7.20
CA PHE B 463 -11.95 -16.13 8.55
C PHE B 463 -11.78 -15.05 9.61
N ILE B 464 -12.87 -14.61 10.22
CA ILE B 464 -12.74 -13.65 11.31
C ILE B 464 -12.89 -14.43 12.62
N LEU B 465 -11.80 -15.09 13.02
CA LEU B 465 -11.71 -15.90 14.23
C LEU B 465 -11.55 -15.06 15.51
N PRO B 466 -11.99 -15.62 16.64
CA PRO B 466 -11.90 -14.94 17.92
C PRO B 466 -10.43 -14.77 18.32
N TYR B 467 -10.16 -13.73 19.10
CA TYR B 467 -8.81 -13.41 19.55
C TYR B 467 -8.04 -14.56 20.23
N GLU B 468 -8.73 -15.64 20.55
CA GLU B 468 -8.06 -16.74 21.22
C GLU B 468 -7.01 -17.24 20.23
N TYR B 469 -7.43 -17.27 18.97
CA TYR B 469 -6.59 -17.72 17.86
C TYR B 469 -5.36 -16.82 17.58
N PHE B 470 -5.54 -15.51 17.64
CA PHE B 470 -4.41 -14.62 17.39
C PHE B 470 -3.33 -14.75 18.47
N ILE B 471 -3.77 -14.80 19.72
CA ILE B 471 -2.85 -14.91 20.83
C ILE B 471 -2.12 -16.23 20.83
N ALA B 472 -2.86 -17.29 20.56
CA ALA B 472 -2.29 -18.61 20.55
C ALA B 472 -1.32 -18.80 19.38
N GLN B 473 -1.41 -17.91 18.40
CA GLN B 473 -0.56 -18.06 17.24
C GLN B 473 0.50 -17.01 17.05
N HIS B 474 0.37 -15.88 17.73
CA HIS B 474 1.31 -14.80 17.51
C HIS B 474 2.78 -14.99 17.84
N ALA B 475 3.09 -15.61 18.97
CA ALA B 475 4.50 -15.82 19.29
C ALA B 475 5.21 -16.77 18.34
N VAL B 476 4.53 -17.87 18.00
CA VAL B 476 5.10 -18.90 17.16
C VAL B 476 5.38 -18.46 15.71
N VAL B 477 4.43 -17.69 15.16
CA VAL B 477 4.51 -17.18 13.79
C VAL B 477 5.70 -16.23 13.69
N GLU B 478 5.90 -15.44 14.74
CA GLU B 478 7.00 -14.48 14.79
C GLU B 478 8.35 -15.20 14.75
N LYS B 479 8.46 -16.33 15.46
CA LYS B 479 9.68 -17.12 15.44
C LYS B 479 9.89 -17.68 14.03
N MET B 480 8.80 -18.09 13.40
CA MET B 480 8.85 -18.67 12.07
C MET B 480 9.33 -17.66 11.06
N LEU B 481 8.86 -16.43 11.20
CA LEU B 481 9.21 -15.34 10.32
C LEU B 481 10.70 -15.04 10.40
N ILE B 482 11.24 -15.10 11.60
CA ILE B 482 12.65 -14.84 11.80
C ILE B 482 13.45 -15.91 11.07
N TYR B 483 12.99 -17.15 11.09
CA TYR B 483 13.75 -18.19 10.41
C TYR B 483 13.73 -17.86 8.91
N ALA B 484 12.59 -17.40 8.42
CA ALA B 484 12.48 -17.06 7.02
C ALA B 484 13.40 -15.89 6.72
N LYS B 485 13.40 -14.92 7.63
CA LYS B 485 14.21 -13.72 7.47
C LYS B 485 15.60 -14.01 6.94
N HIS B 486 16.19 -15.12 7.36
CA HIS B 486 17.55 -15.46 6.92
C HIS B 486 17.63 -16.70 6.01
N THR B 487 16.50 -17.06 5.42
CA THR B 487 16.38 -18.19 4.52
C THR B 487 16.02 -17.59 3.17
N ARG B 488 16.84 -17.79 2.16
CA ARG B 488 16.58 -17.19 0.86
C ARG B 488 15.42 -17.76 0.05
N GLU B 489 15.06 -19.03 0.27
CA GLU B 489 13.93 -19.61 -0.45
C GLU B 489 12.69 -18.77 -0.25
N TYR B 490 12.62 -18.13 0.91
CA TYR B 490 11.48 -17.28 1.25
C TYR B 490 11.69 -15.83 0.83
N ALA B 491 11.62 -15.60 -0.47
CA ALA B 491 11.79 -14.31 -1.13
C ALA B 491 11.17 -13.13 -0.40
N GLU B 492 9.91 -13.27 -0.02
CA GLU B 492 9.17 -12.21 0.67
C GLU B 492 9.70 -11.81 2.05
N PHE B 493 10.33 -12.74 2.76
CA PHE B 493 10.83 -12.47 4.09
C PHE B 493 12.34 -12.34 4.26
N TYR B 494 13.11 -12.80 3.28
CA TYR B 494 14.57 -12.76 3.39
C TYR B 494 15.24 -11.41 3.53
N SER B 495 16.07 -11.27 4.58
CA SER B 495 16.81 -10.03 4.84
C SER B 495 15.95 -8.79 4.68
N GLN B 496 16.57 -7.71 4.20
CA GLN B 496 15.88 -6.44 3.99
C GLN B 496 15.60 -6.30 2.50
N SER B 497 15.81 -7.41 1.80
CA SER B 497 15.63 -7.53 0.36
C SER B 497 14.35 -6.97 -0.22
N ASN B 498 14.48 -6.29 -1.36
CA ASN B 498 13.34 -5.74 -2.10
C ASN B 498 13.20 -6.63 -3.32
N GLN B 499 12.23 -6.30 -4.17
CA GLN B 499 11.99 -7.10 -5.36
C GLN B 499 13.12 -7.13 -6.38
N LEU B 500 14.00 -6.12 -6.39
CA LEU B 500 15.08 -6.08 -7.35
C LEU B 500 16.01 -7.25 -7.11
N LEU B 501 16.27 -7.59 -5.86
CA LEU B 501 17.14 -8.72 -5.58
C LEU B 501 16.53 -10.03 -6.10
N SER B 502 15.22 -10.18 -5.97
CA SER B 502 14.51 -11.38 -6.45
C SER B 502 14.61 -11.47 -7.97
N TYR B 503 14.51 -10.32 -8.64
CA TYR B 503 14.62 -10.25 -10.10
C TYR B 503 16.02 -10.70 -10.48
N GLY B 504 16.99 -10.24 -9.71
CA GLY B 504 18.37 -10.57 -9.97
C GLY B 504 18.67 -12.04 -9.82
N ASP B 505 18.08 -12.69 -8.82
CA ASP B 505 18.35 -14.09 -8.58
C ASP B 505 17.91 -15.02 -9.72
N VAL B 506 16.77 -14.75 -10.34
CA VAL B 506 16.30 -15.62 -11.42
C VAL B 506 17.23 -15.55 -12.63
N THR B 507 17.67 -14.34 -12.98
CA THR B 507 18.57 -14.12 -14.11
C THR B 507 19.94 -14.71 -13.93
N ARG B 508 20.46 -14.59 -12.72
CA ARG B 508 21.79 -15.09 -12.37
C ARG B 508 22.21 -16.36 -13.11
N PHE B 509 21.44 -17.44 -12.98
CA PHE B 509 21.80 -18.71 -13.59
C PHE B 509 21.25 -19.05 -14.96
N LEU B 510 20.61 -18.08 -15.61
CA LEU B 510 20.04 -18.31 -16.93
C LEU B 510 21.09 -18.45 -18.02
N SER B 511 21.10 -19.62 -18.64
CA SER B 511 22.03 -19.93 -19.70
C SER B 511 21.37 -20.96 -20.63
N ASN B 512 22.05 -21.27 -21.73
CA ASN B 512 21.53 -22.22 -22.71
C ASN B 512 21.36 -23.63 -22.22
N ASN B 513 21.68 -23.89 -20.96
CA ASN B 513 21.52 -25.25 -20.47
C ASN B 513 20.71 -25.28 -19.17
N THR B 514 19.84 -24.29 -19.03
CA THR B 514 18.96 -24.19 -17.86
C THR B 514 17.60 -23.64 -18.26
N MET B 515 16.55 -24.12 -17.59
CA MET B 515 15.18 -23.68 -17.84
C MET B 515 14.48 -23.29 -16.52
N VAL B 516 13.80 -22.15 -16.51
CA VAL B 516 13.10 -21.68 -15.32
C VAL B 516 11.71 -22.29 -15.23
N LEU B 517 11.23 -22.52 -14.02
CA LEU B 517 9.92 -23.12 -13.81
C LEU B 517 9.07 -22.27 -12.88
N TYR B 518 8.07 -21.57 -13.42
CA TYR B 518 7.21 -20.74 -12.60
C TYR B 518 5.82 -21.35 -12.54
N THR B 519 5.16 -21.22 -11.39
CA THR B 519 3.85 -21.81 -11.17
C THR B 519 2.98 -21.01 -10.24
N ASP B 520 1.74 -20.74 -10.67
CA ASP B 520 0.77 -20.00 -9.86
C ASP B 520 -0.04 -21.04 -9.07
N VAL B 521 0.11 -21.06 -7.75
CA VAL B 521 -0.63 -22.04 -6.94
C VAL B 521 -1.73 -21.43 -6.08
N SER B 522 -2.32 -20.34 -6.55
CA SER B 522 -3.35 -19.66 -5.76
C SER B 522 -4.56 -20.56 -5.56
N GLN B 523 -4.93 -21.30 -6.61
CA GLN B 523 -6.06 -22.22 -6.52
C GLN B 523 -5.84 -23.35 -5.52
N TRP B 524 -4.63 -23.89 -5.47
CA TRP B 524 -4.34 -25.01 -4.57
C TRP B 524 -4.49 -24.65 -3.09
N ASP B 525 -4.05 -23.47 -2.71
CA ASP B 525 -4.15 -23.05 -1.31
C ASP B 525 -5.60 -23.12 -0.80
N SER B 526 -6.55 -22.77 -1.66
CA SER B 526 -7.95 -22.79 -1.27
C SER B 526 -8.61 -24.15 -1.44
N SER B 527 -7.89 -25.09 -2.06
CA SER B 527 -8.43 -26.44 -2.30
C SER B 527 -8.68 -27.20 -1.02
N GLN B 528 -9.69 -28.07 -1.06
CA GLN B 528 -10.03 -28.89 0.09
C GLN B 528 -9.06 -30.06 0.17
N HIS B 529 -8.46 -30.37 -0.96
CA HIS B 529 -7.51 -31.46 -1.02
C HIS B 529 -6.35 -31.07 -0.12
N ASN B 530 -6.02 -29.78 -0.19
CA ASN B 530 -4.93 -29.16 0.56
C ASN B 530 -5.05 -29.15 2.08
N THR B 531 -6.25 -28.92 2.60
CA THR B 531 -6.41 -28.73 4.04
C THR B 531 -6.02 -29.91 4.92
N GLN B 532 -6.32 -31.13 4.52
CA GLN B 532 -5.91 -32.26 5.37
C GLN B 532 -4.38 -32.35 5.54
N PRO B 533 -3.62 -32.40 4.45
CA PRO B 533 -2.15 -32.48 4.54
C PRO B 533 -1.50 -31.30 5.22
N PHE B 534 -2.14 -30.14 5.10
CA PHE B 534 -1.61 -28.91 5.67
C PHE B 534 -1.66 -28.90 7.17
N ARG B 535 -2.85 -28.98 7.75
CA ARG B 535 -2.97 -28.92 9.19
C ARG B 535 -2.28 -30.10 9.85
N LYS B 536 -2.40 -31.27 9.23
CA LYS B 536 -1.77 -32.44 9.79
C LYS B 536 -0.26 -32.25 9.79
N GLY B 537 0.28 -31.65 8.73
CA GLY B 537 1.72 -31.45 8.67
C GLY B 537 2.24 -30.51 9.77
N ILE B 538 1.51 -29.42 10.02
CA ILE B 538 1.89 -28.51 11.09
C ILE B 538 1.76 -29.18 12.44
N ILE B 539 0.67 -29.93 12.62
CA ILE B 539 0.41 -30.60 13.90
C ILE B 539 1.46 -31.64 14.22
N MET B 540 1.87 -32.41 13.20
CA MET B 540 2.86 -33.45 13.42
C MET B 540 4.15 -32.76 13.86
N GLY B 541 4.45 -31.63 13.22
CA GLY B 541 5.64 -30.87 13.54
C GLY B 541 5.59 -30.35 14.96
N LEU B 542 4.41 -29.89 15.36
CA LEU B 542 4.23 -29.31 16.67
C LEU B 542 4.50 -30.36 17.70
N ASP B 543 4.09 -31.59 17.45
CA ASP B 543 4.33 -32.68 18.40
C ASP B 543 5.82 -32.95 18.59
N ILE B 544 6.59 -32.89 17.50
CA ILE B 544 8.03 -33.10 17.57
C ILE B 544 8.65 -32.01 18.42
N LEU B 545 8.17 -30.78 18.27
CA LEU B 545 8.68 -29.67 19.04
C LEU B 545 8.40 -29.88 20.53
N ALA B 546 7.22 -30.39 20.86
CA ALA B 546 6.81 -30.62 22.25
C ALA B 546 7.72 -31.66 22.92
N ASN B 547 8.09 -32.71 22.19
CA ASN B 547 8.99 -33.72 22.74
C ASN B 547 10.42 -33.22 22.80
N MET B 548 10.63 -31.90 22.65
CA MET B 548 11.98 -31.35 22.68
C MET B 548 12.27 -30.58 23.95
N THR B 549 11.23 -30.32 24.76
CA THR B 549 11.42 -29.61 26.01
C THR B 549 10.48 -30.13 27.08
N ASN B 550 10.49 -29.46 28.22
CA ASN B 550 9.64 -29.85 29.34
C ASN B 550 9.08 -28.57 29.95
N ASP B 551 9.51 -27.44 29.42
CA ASP B 551 9.08 -26.14 29.91
C ASP B 551 7.56 -26.07 29.90
N ALA B 552 6.97 -25.73 31.04
CA ALA B 552 5.52 -25.65 31.12
C ALA B 552 4.99 -24.55 30.21
N LYS B 553 5.66 -23.41 30.21
CA LYS B 553 5.22 -22.29 29.39
C LYS B 553 5.36 -22.61 27.90
N VAL B 554 6.46 -23.25 27.52
CA VAL B 554 6.68 -23.62 26.13
C VAL B 554 5.71 -24.65 25.61
N LEU B 555 5.43 -25.66 26.43
CA LEU B 555 4.49 -26.71 26.07
C LEU B 555 3.07 -26.20 25.96
N GLN B 556 2.65 -25.35 26.89
CA GLN B 556 1.30 -24.86 26.82
C GLN B 556 1.04 -23.98 25.61
N THR B 557 2.00 -23.09 25.31
CA THR B 557 1.93 -22.17 24.17
C THR B 557 1.98 -22.99 22.87
N LEU B 558 2.85 -23.96 22.87
CA LEU B 558 3.04 -24.87 21.76
C LEU B 558 1.79 -25.73 21.58
N ASN B 559 1.20 -26.15 22.70
CA ASN B 559 -0.02 -26.96 22.71
C ASN B 559 -1.25 -26.23 22.18
N LEU B 560 -1.37 -24.97 22.57
CA LEU B 560 -2.49 -24.10 22.19
C LEU B 560 -2.47 -23.91 20.68
N TYR B 561 -1.29 -23.77 20.12
CA TYR B 561 -1.11 -23.61 18.68
C TYR B 561 -1.63 -24.91 18.04
N LYS B 562 -1.34 -26.05 18.67
CA LYS B 562 -1.78 -27.35 18.15
C LYS B 562 -3.29 -27.40 18.13
N GLN B 563 -3.91 -26.85 19.14
CA GLN B 563 -5.36 -26.85 19.23
C GLN B 563 -6.04 -26.06 18.10
N THR B 564 -5.49 -24.91 17.70
CA THR B 564 -6.12 -24.08 16.66
C THR B 564 -6.14 -24.84 15.36
N GLN B 565 -5.07 -25.59 15.07
CA GLN B 565 -5.04 -26.37 13.85
C GLN B 565 -6.11 -27.46 13.85
N ILE B 566 -6.31 -28.11 15.00
CA ILE B 566 -7.34 -29.14 15.14
C ILE B 566 -8.78 -28.61 15.02
N ASN B 567 -9.07 -27.45 15.64
CA ASN B 567 -10.40 -26.87 15.58
C ASN B 567 -10.75 -26.50 14.16
N LEU B 568 -9.76 -25.97 13.45
CA LEU B 568 -9.91 -25.55 12.06
C LEU B 568 -10.15 -26.72 11.11
N MET B 569 -9.46 -27.83 11.35
CA MET B 569 -9.61 -29.04 10.54
C MET B 569 -11.06 -29.28 10.09
N ASP B 570 -12.03 -28.97 10.96
CA ASP B 570 -13.46 -29.12 10.65
C ASP B 570 -14.20 -27.85 11.06
N SER B 571 -14.21 -26.85 10.18
CA SER B 571 -14.85 -25.59 10.50
C SER B 571 -16.16 -25.41 9.76
N TYR B 572 -16.91 -24.40 10.20
CA TYR B 572 -18.18 -24.07 9.61
C TYR B 572 -18.24 -22.56 9.47
N VAL B 573 -18.86 -22.12 8.37
CA VAL B 573 -18.95 -20.71 8.07
C VAL B 573 -20.35 -20.10 8.02
N GLN B 574 -20.41 -18.81 8.36
CA GLN B 574 -21.64 -18.05 8.35
C GLN B 574 -21.68 -17.24 7.08
N ILE B 575 -22.31 -17.79 6.05
CA ILE B 575 -22.41 -17.13 4.77
C ILE B 575 -23.76 -16.47 4.59
N PRO B 576 -23.80 -15.14 4.49
CA PRO B 576 -25.07 -14.45 4.30
C PRO B 576 -25.65 -14.87 2.95
N ASP B 577 -26.96 -15.08 2.90
CA ASP B 577 -27.63 -15.48 1.67
C ASP B 577 -28.87 -14.61 1.53
N GLY B 578 -28.65 -13.29 1.41
CA GLY B 578 -29.76 -12.36 1.29
C GLY B 578 -29.78 -11.51 2.55
N ASN B 579 -30.62 -11.90 3.50
CA ASN B 579 -30.72 -11.20 4.77
C ASN B 579 -30.76 -12.29 5.83
N VAL B 580 -30.37 -13.48 5.39
CA VAL B 580 -30.30 -14.69 6.19
C VAL B 580 -28.83 -15.08 6.31
N ILE B 581 -28.49 -15.90 7.29
CA ILE B 581 -27.09 -16.31 7.43
C ILE B 581 -26.95 -17.82 7.45
N LYS B 582 -26.96 -18.43 6.28
CA LYS B 582 -26.85 -19.89 6.20
C LYS B 582 -25.52 -20.38 6.74
N LYS B 583 -25.55 -21.44 7.53
CA LYS B 583 -24.33 -21.97 8.11
C LYS B 583 -23.96 -23.19 7.31
N ILE B 584 -22.84 -23.13 6.59
CA ILE B 584 -22.42 -24.29 5.79
C ILE B 584 -21.08 -24.83 6.24
N GLN B 585 -20.83 -26.11 5.97
CA GLN B 585 -19.57 -26.74 6.35
C GLN B 585 -18.43 -26.42 5.40
N TYR B 586 -17.48 -25.60 5.84
CA TYR B 586 -16.34 -25.21 5.01
C TYR B 586 -15.13 -26.13 5.22
N GLY B 587 -14.76 -26.89 4.20
CA GLY B 587 -13.63 -27.79 4.32
C GLY B 587 -12.36 -27.35 3.59
N ALA B 588 -12.20 -26.04 3.45
CA ALA B 588 -11.03 -25.51 2.77
C ALA B 588 -10.26 -24.58 3.69
N VAL B 589 -9.00 -24.33 3.37
CA VAL B 589 -8.19 -23.42 4.17
C VAL B 589 -8.39 -22.00 3.68
N ALA B 590 -9.07 -21.18 4.46
CA ALA B 590 -9.26 -19.78 4.10
C ALA B 590 -8.22 -19.06 4.90
N SER B 591 -8.15 -17.75 4.78
CA SER B 591 -7.14 -17.07 5.54
C SER B 591 -7.72 -16.07 6.51
N GLY B 592 -7.04 -15.94 7.64
CA GLY B 592 -7.48 -15.02 8.67
C GLY B 592 -6.56 -15.23 9.87
N GLU B 593 -5.95 -16.40 9.92
CA GLU B 593 -5.05 -16.74 11.00
C GLU B 593 -3.82 -15.84 10.99
N LYS B 594 -3.04 -15.90 12.06
CA LYS B 594 -1.83 -15.12 12.16
C LYS B 594 -0.83 -15.80 11.26
N GLN B 595 -0.91 -17.14 11.21
CA GLN B 595 0.01 -17.94 10.42
C GLN B 595 -0.33 -18.03 8.93
N THR B 596 -1.27 -17.21 8.47
CA THR B 596 -1.68 -17.22 7.06
C THR B 596 -0.50 -17.17 6.10
N LYS B 597 0.19 -16.03 6.06
CA LYS B 597 1.31 -15.88 5.13
C LYS B 597 2.50 -16.78 5.42
N ALA B 598 2.90 -16.94 6.68
CA ALA B 598 4.04 -17.81 6.90
C ALA B 598 3.77 -19.28 6.58
N ALA B 599 2.59 -19.76 6.98
CA ALA B 599 2.16 -21.14 6.76
C ALA B 599 1.96 -21.40 5.28
N ASN B 600 1.35 -20.41 4.64
CA ASN B 600 1.10 -20.52 3.22
C ASN B 600 2.48 -20.60 2.54
N SER B 601 3.43 -19.81 3.01
CA SER B 601 4.75 -19.85 2.42
C SER B 601 5.40 -21.22 2.61
N ILE B 602 5.21 -21.79 3.80
CA ILE B 602 5.78 -23.10 4.07
C ILE B 602 5.16 -24.16 3.14
N ALA B 603 3.85 -24.09 2.96
CA ALA B 603 3.18 -25.05 2.11
C ALA B 603 3.56 -24.93 0.63
N ASN B 604 3.63 -23.72 0.11
CA ASN B 604 3.98 -23.53 -1.30
C ASN B 604 5.38 -24.04 -1.58
N LEU B 605 6.30 -23.76 -0.66
CA LEU B 605 7.68 -24.23 -0.78
C LEU B 605 7.74 -25.75 -0.70
N ALA B 606 6.94 -26.31 0.20
CA ALA B 606 6.89 -27.76 0.41
C ALA B 606 6.39 -28.40 -0.86
N LEU B 607 5.40 -27.74 -1.47
CA LEU B 607 4.82 -28.24 -2.69
C LEU B 607 5.79 -28.24 -3.88
N ILE B 608 6.56 -27.18 -4.05
CA ILE B 608 7.48 -27.17 -5.17
C ILE B 608 8.53 -28.24 -4.99
N LYS B 609 9.00 -28.41 -3.76
CA LYS B 609 10.03 -29.40 -3.50
C LYS B 609 9.47 -30.78 -3.82
N THR B 610 8.22 -31.01 -3.46
CA THR B 610 7.59 -32.31 -3.73
C THR B 610 7.48 -32.58 -5.23
N VAL B 611 7.09 -31.56 -6.00
CA VAL B 611 6.96 -31.77 -7.45
C VAL B 611 8.30 -32.03 -8.13
N LEU B 612 9.31 -31.27 -7.74
CA LEU B 612 10.64 -31.38 -8.32
C LEU B 612 11.25 -32.72 -8.05
N SER B 613 11.03 -33.21 -6.83
CA SER B 613 11.60 -34.49 -6.44
C SER B 613 11.01 -35.59 -7.32
N ARG B 614 9.71 -35.54 -7.60
CA ARG B 614 9.05 -36.54 -8.44
C ARG B 614 9.51 -36.52 -9.91
N ILE B 615 9.70 -35.34 -10.46
CA ILE B 615 10.13 -35.15 -11.84
C ILE B 615 11.51 -35.69 -12.17
N SER B 616 12.43 -35.55 -11.24
CA SER B 616 13.81 -35.94 -11.50
C SER B 616 13.92 -37.44 -11.78
N ASN B 617 13.20 -38.29 -11.06
CA ASN B 617 13.27 -39.73 -11.37
C ASN B 617 13.39 -39.94 -12.88
N LYS B 618 12.78 -39.04 -13.63
CA LYS B 618 12.80 -39.08 -15.08
C LYS B 618 13.99 -38.31 -15.68
N HIS B 619 14.04 -37.00 -15.44
CA HIS B 619 15.14 -36.16 -15.96
C HIS B 619 16.17 -35.81 -14.89
N SER B 620 17.42 -35.61 -15.31
CA SER B 620 18.46 -35.22 -14.36
C SER B 620 18.82 -33.75 -14.57
N PHE B 621 18.63 -32.96 -13.52
CA PHE B 621 18.92 -31.53 -13.56
C PHE B 621 19.59 -31.08 -12.26
N ALA B 622 19.84 -29.78 -12.15
CA ALA B 622 20.46 -29.23 -10.96
C ALA B 622 19.59 -28.10 -10.45
N THR B 623 19.40 -28.04 -9.14
CA THR B 623 18.58 -27.00 -8.54
C THR B 623 19.40 -25.75 -8.22
N LYS B 624 19.45 -24.82 -9.16
CA LYS B 624 20.22 -23.62 -8.94
C LYS B 624 19.56 -22.79 -7.87
N ILE B 625 18.24 -22.62 -7.95
CA ILE B 625 17.51 -21.87 -6.91
C ILE B 625 16.06 -22.34 -6.84
N ILE B 626 15.48 -22.32 -5.64
CA ILE B 626 14.06 -22.65 -5.46
C ILE B 626 13.50 -21.48 -4.69
N ARG B 627 12.24 -21.11 -4.96
CA ARG B 627 11.63 -19.97 -4.27
C ARG B 627 10.11 -20.06 -4.14
N VAL B 628 9.61 -19.43 -3.09
CA VAL B 628 8.18 -19.34 -2.83
C VAL B 628 7.96 -17.88 -2.51
N ASP B 629 7.22 -17.17 -3.34
CA ASP B 629 6.99 -15.77 -3.08
C ASP B 629 5.50 -15.45 -3.17
N GLY B 630 4.80 -15.55 -2.05
CA GLY B 630 3.38 -15.27 -2.09
C GLY B 630 2.62 -16.44 -2.69
N ASP B 631 1.68 -16.14 -3.60
CA ASP B 631 0.87 -17.18 -4.25
C ASP B 631 1.53 -17.89 -5.45
N ASP B 632 2.82 -17.67 -5.63
CA ASP B 632 3.59 -18.28 -6.73
C ASP B 632 4.84 -18.93 -6.15
N ASN B 633 5.44 -19.86 -6.89
CA ASN B 633 6.68 -20.51 -6.45
C ASN B 633 7.43 -20.81 -7.72
N TYR B 634 8.75 -20.83 -7.68
CA TYR B 634 9.51 -21.10 -8.89
C TYR B 634 10.90 -21.67 -8.64
N ALA B 635 11.51 -22.22 -9.69
CA ALA B 635 12.84 -22.80 -9.58
C ALA B 635 13.60 -22.69 -10.88
N VAL B 636 14.92 -22.75 -10.77
CA VAL B 636 15.80 -22.68 -11.91
C VAL B 636 16.56 -23.99 -11.92
N LEU B 637 16.35 -24.78 -12.96
CA LEU B 637 17.01 -26.06 -13.07
C LEU B 637 18.15 -26.00 -14.10
N GLN B 638 19.12 -26.90 -13.94
CA GLN B 638 20.26 -26.94 -14.84
C GLN B 638 20.43 -28.36 -15.34
N PHE B 639 20.57 -28.52 -16.64
CA PHE B 639 20.73 -29.83 -17.24
C PHE B 639 22.14 -30.03 -17.73
N ASN B 640 22.56 -31.29 -17.80
CA ASN B 640 23.91 -31.59 -18.26
C ASN B 640 24.08 -31.44 -19.77
N THR B 641 22.99 -31.12 -20.47
CA THR B 641 23.04 -30.94 -21.91
C THR B 641 22.32 -29.65 -22.28
N GLU B 642 22.31 -29.30 -23.56
CA GLU B 642 21.64 -28.08 -23.99
C GLU B 642 20.13 -28.32 -24.05
N VAL B 643 19.36 -27.30 -23.68
CA VAL B 643 17.91 -27.37 -23.66
C VAL B 643 17.29 -27.20 -25.05
N THR B 644 16.36 -28.09 -25.39
CA THR B 644 15.67 -28.02 -26.67
C THR B 644 14.18 -27.82 -26.44
N LYS B 645 13.45 -27.55 -27.51
CA LYS B 645 12.01 -27.31 -27.45
C LYS B 645 11.39 -28.60 -26.95
N GLN B 646 11.91 -29.73 -27.42
CA GLN B 646 11.40 -31.03 -27.01
C GLN B 646 11.61 -31.26 -25.51
N MET B 647 12.77 -30.84 -25.01
CA MET B 647 13.05 -31.00 -23.59
C MET B 647 12.09 -30.20 -22.74
N ILE B 648 11.79 -28.99 -23.18
CA ILE B 648 10.90 -28.15 -22.40
C ILE B 648 9.52 -28.77 -22.32
N GLN B 649 9.03 -29.33 -23.43
CA GLN B 649 7.72 -29.96 -23.42
C GLN B 649 7.70 -31.15 -22.50
N ASP B 650 8.75 -31.95 -22.51
CA ASP B 650 8.80 -33.12 -21.64
C ASP B 650 8.84 -32.79 -20.16
N VAL B 651 9.64 -31.80 -19.77
CA VAL B 651 9.74 -31.39 -18.37
C VAL B 651 8.41 -30.80 -17.96
N SER B 652 7.82 -30.00 -18.83
CA SER B 652 6.56 -29.37 -18.52
C SER B 652 5.40 -30.34 -18.37
N ASN B 653 5.32 -31.32 -19.25
CA ASN B 653 4.22 -32.27 -19.19
C ASN B 653 4.31 -33.07 -17.90
N ASP B 654 5.53 -33.48 -17.56
CA ASP B 654 5.72 -34.23 -16.34
C ASP B 654 5.42 -33.40 -15.12
N VAL B 655 5.82 -32.15 -15.12
CA VAL B 655 5.52 -31.33 -13.97
C VAL B 655 4.01 -31.10 -13.83
N ARG B 656 3.34 -30.84 -14.94
CA ARG B 656 1.91 -30.58 -14.91
C ARG B 656 1.21 -31.84 -14.46
N GLU B 657 1.70 -32.98 -14.95
CA GLU B 657 1.13 -34.25 -14.58
C GLU B 657 1.31 -34.50 -13.06
N THR B 658 2.47 -34.15 -12.50
CA THR B 658 2.73 -34.37 -11.08
C THR B 658 1.76 -33.54 -10.24
N TYR B 659 1.50 -32.32 -10.69
CA TYR B 659 0.56 -31.41 -10.01
C TYR B 659 -0.83 -32.02 -10.12
N ALA B 660 -1.11 -32.59 -11.29
CA ALA B 660 -2.40 -33.21 -11.59
C ALA B 660 -2.70 -34.39 -10.69
N ARG B 661 -1.70 -35.20 -10.41
CA ARG B 661 -1.92 -36.36 -9.58
C ARG B 661 -2.34 -35.91 -8.20
N MET B 662 -1.72 -34.85 -7.69
CA MET B 662 -2.08 -34.32 -6.38
C MET B 662 -3.42 -33.59 -6.39
N ASN B 663 -4.15 -33.69 -7.50
CA ASN B 663 -5.44 -33.03 -7.63
C ASN B 663 -5.36 -31.53 -7.36
N ALA B 664 -4.33 -30.90 -7.90
CA ALA B 664 -4.17 -29.47 -7.73
C ALA B 664 -4.36 -28.72 -9.04
N LYS B 665 -5.28 -27.76 -9.04
CA LYS B 665 -5.51 -26.97 -10.24
C LYS B 665 -4.56 -25.79 -10.19
N VAL B 666 -3.48 -25.87 -10.96
CA VAL B 666 -2.47 -24.82 -11.00
C VAL B 666 -1.92 -24.58 -12.41
N LYS B 667 -1.40 -23.37 -12.63
CA LYS B 667 -0.82 -23.01 -13.92
C LYS B 667 0.69 -23.23 -13.84
N ALA B 668 1.19 -24.27 -14.49
CA ALA B 668 2.61 -24.55 -14.47
C ALA B 668 3.22 -24.35 -15.85
N LEU B 669 4.19 -23.44 -15.95
CA LEU B 669 4.87 -23.12 -17.22
C LEU B 669 6.38 -23.30 -17.13
N VAL B 670 7.04 -23.48 -18.27
CA VAL B 670 8.49 -23.63 -18.26
C VAL B 670 9.17 -22.83 -19.39
N SER B 671 10.08 -21.95 -19.02
CA SER B 671 10.77 -21.17 -20.03
C SER B 671 12.25 -21.02 -19.67
N THR B 672 13.03 -20.44 -20.57
CA THR B 672 14.44 -20.25 -20.33
C THR B 672 14.82 -18.77 -20.28
N VAL B 673 13.83 -17.89 -20.25
CA VAL B 673 14.14 -16.46 -20.22
C VAL B 673 13.29 -15.61 -19.27
N GLY B 674 12.05 -16.01 -19.03
CA GLY B 674 11.23 -15.21 -18.14
C GLY B 674 10.33 -15.94 -17.17
N ILE B 675 9.64 -15.16 -16.34
CA ILE B 675 8.70 -15.71 -15.38
C ILE B 675 7.62 -14.68 -15.13
N GLU B 676 6.49 -15.12 -14.59
CA GLU B 676 5.41 -14.17 -14.32
C GLU B 676 4.70 -14.56 -13.06
N ILE B 677 4.77 -13.75 -12.03
CA ILE B 677 4.05 -14.08 -10.83
C ILE B 677 3.21 -12.89 -10.41
N ALA B 678 2.25 -13.13 -9.53
CA ALA B 678 1.37 -12.07 -9.11
C ALA B 678 2.05 -10.75 -8.80
N LYS B 679 3.22 -10.78 -8.17
CA LYS B 679 3.90 -9.54 -7.80
C LYS B 679 4.71 -8.87 -8.92
N ARG B 680 5.46 -9.66 -9.68
CA ARG B 680 6.31 -9.10 -10.71
C ARG B 680 6.48 -10.03 -11.92
N TYR B 681 6.95 -9.50 -13.04
CA TYR B 681 7.21 -10.37 -14.18
C TYR B 681 8.48 -9.96 -14.86
N ILE B 682 9.27 -10.93 -15.26
CA ILE B 682 10.56 -10.68 -15.92
C ILE B 682 10.59 -11.07 -17.40
N ALA B 683 10.44 -10.07 -18.27
CA ALA B 683 10.44 -10.28 -19.72
C ALA B 683 11.71 -9.73 -20.32
N GLY B 684 12.31 -10.48 -21.23
CA GLY B 684 13.53 -10.01 -21.87
C GLY B 684 14.65 -9.48 -20.97
N GLY B 685 14.91 -10.18 -19.86
CA GLY B 685 15.95 -9.76 -18.94
C GLY B 685 15.61 -8.49 -18.18
N LYS B 686 14.44 -7.92 -18.43
CA LYS B 686 14.02 -6.69 -17.75
C LYS B 686 12.91 -6.99 -16.71
N ILE B 687 12.86 -6.18 -15.66
CA ILE B 687 11.87 -6.34 -14.58
C ILE B 687 10.64 -5.47 -14.87
N PHE B 688 9.46 -6.02 -14.63
CA PHE B 688 8.18 -5.33 -14.85
C PHE B 688 7.24 -5.55 -13.67
N PHE B 689 6.41 -4.55 -13.34
CA PHE B 689 5.44 -4.66 -12.23
C PHE B 689 4.13 -4.12 -12.71
N ARG B 690 3.09 -4.96 -12.68
CA ARG B 690 1.77 -4.52 -13.12
C ARG B 690 1.35 -3.19 -12.48
N ALA B 691 0.80 -2.28 -13.28
CA ALA B 691 0.33 -0.99 -12.77
C ALA B 691 -1.20 -1.01 -12.72
N GLY B 692 -1.78 -1.95 -11.98
CA GLY B 692 -3.23 -2.02 -11.98
C GLY B 692 -3.98 -1.57 -10.74
N ILE B 693 -3.54 -0.48 -10.12
CA ILE B 693 -4.22 0.01 -8.92
C ILE B 693 -5.40 0.85 -9.36
N ASN B 694 -6.59 0.51 -8.89
CA ASN B 694 -7.78 1.27 -9.26
C ASN B 694 -7.80 2.61 -8.54
N LEU B 695 -8.23 3.64 -9.25
CA LEU B 695 -8.27 4.99 -8.73
C LEU B 695 -9.64 5.46 -8.21
N LEU B 696 -10.66 5.37 -9.07
CA LEU B 696 -11.97 5.86 -8.70
C LEU B 696 -12.95 4.83 -8.18
N ASN B 697 -12.42 3.70 -7.70
CA ASN B 697 -13.25 2.64 -7.14
C ASN B 697 -12.36 1.95 -6.14
N ASN B 698 -12.87 1.64 -4.96
CA ASN B 698 -12.08 0.95 -3.93
C ASN B 698 -12.59 -0.48 -3.69
N GLU B 699 -11.77 -1.28 -3.02
CA GLU B 699 -12.15 -2.66 -2.69
C GLU B 699 -13.25 -2.64 -1.62
N LYS B 700 -12.98 -1.96 -0.51
CA LYS B 700 -13.97 -1.86 0.55
C LYS B 700 -13.92 -0.51 1.23
N ARG B 701 -14.97 -0.23 2.00
CA ARG B 701 -15.09 1.02 2.72
C ARG B 701 -14.34 0.91 4.04
N GLY B 702 -13.62 1.96 4.41
CA GLY B 702 -12.88 1.94 5.65
C GLY B 702 -13.44 2.95 6.63
N GLN B 703 -12.54 3.67 7.29
CA GLN B 703 -12.93 4.69 8.26
C GLN B 703 -12.04 5.91 8.09
N SER B 704 -11.34 5.98 6.97
CA SER B 704 -10.46 7.11 6.68
C SER B 704 -11.32 8.24 6.13
N THR B 705 -10.80 9.46 6.18
CA THR B 705 -11.53 10.63 5.73
C THR B 705 -11.31 10.94 4.25
N GLN B 706 -11.96 12.00 3.78
CA GLN B 706 -11.81 12.40 2.40
C GLN B 706 -10.37 12.82 2.15
N TRP B 707 -9.79 13.54 3.12
CA TRP B 707 -8.41 13.99 2.97
C TRP B 707 -7.48 12.78 2.91
N ASP B 708 -7.71 11.78 3.75
CA ASP B 708 -6.88 10.58 3.76
C ASP B 708 -7.02 9.86 2.42
N GLN B 709 -8.25 9.85 1.92
CA GLN B 709 -8.54 9.24 0.64
C GLN B 709 -7.88 9.98 -0.53
N ALA B 710 -7.86 11.31 -0.46
CA ALA B 710 -7.23 12.14 -1.50
C ALA B 710 -5.72 11.85 -1.54
N ALA B 711 -5.11 11.71 -0.36
CA ALA B 711 -3.69 11.41 -0.25
C ALA B 711 -3.45 10.02 -0.84
N ILE B 712 -4.36 9.09 -0.57
CA ILE B 712 -4.23 7.73 -1.09
C ILE B 712 -4.33 7.70 -2.61
N LEU B 713 -5.24 8.49 -3.17
CA LEU B 713 -5.42 8.49 -4.62
C LEU B 713 -4.11 9.00 -5.23
N TYR B 714 -3.53 10.04 -4.63
CA TYR B 714 -2.29 10.60 -5.14
C TYR B 714 -1.17 9.59 -5.04
N SER B 715 -1.15 8.86 -3.94
CA SER B 715 -0.13 7.85 -3.73
C SER B 715 -0.33 6.78 -4.76
N ASN B 716 -1.59 6.45 -5.01
CA ASN B 716 -1.92 5.44 -6.00
C ASN B 716 -1.47 5.91 -7.36
N TYR B 717 -1.66 7.19 -7.63
CA TYR B 717 -1.26 7.75 -8.90
C TYR B 717 0.26 7.66 -9.01
N ILE B 718 0.98 7.93 -7.93
CA ILE B 718 2.44 7.85 -7.98
C ILE B 718 2.93 6.42 -8.20
N VAL B 719 2.33 5.44 -7.54
CA VAL B 719 2.80 4.07 -7.77
C VAL B 719 2.52 3.60 -9.19
N ASN B 720 1.34 3.91 -9.72
CA ASN B 720 1.00 3.49 -11.07
C ASN B 720 1.92 4.14 -12.05
N ARG B 721 2.20 5.43 -11.82
CA ARG B 721 3.00 6.18 -12.74
C ARG B 721 4.38 5.58 -12.81
N LEU B 722 4.92 5.17 -11.66
CA LEU B 722 6.22 4.52 -11.61
C LEU B 722 6.21 3.16 -12.32
N ARG B 723 5.11 2.43 -12.13
CA ARG B 723 4.92 1.12 -12.71
C ARG B 723 4.57 1.07 -14.21
N GLY B 724 4.12 2.19 -14.78
CA GLY B 724 3.81 2.24 -16.21
C GLY B 724 2.47 2.74 -16.70
N PHE B 725 1.58 3.11 -15.78
CA PHE B 725 0.24 3.59 -16.10
C PHE B 725 0.15 5.03 -15.59
N GLU B 726 -0.08 5.98 -16.48
CA GLU B 726 -0.14 7.38 -16.06
C GLU B 726 -1.50 8.00 -16.22
N THR B 727 -2.05 8.54 -15.14
CA THR B 727 -3.35 9.20 -15.20
C THR B 727 -2.98 10.67 -15.20
N ASP B 728 -3.53 11.46 -16.11
CA ASP B 728 -3.21 12.88 -16.19
C ASP B 728 -3.21 13.54 -14.79
N ARG B 729 -2.13 14.25 -14.49
CA ARG B 729 -1.89 14.92 -13.23
C ARG B 729 -2.94 16.01 -12.99
N GLU B 730 -3.32 16.70 -14.05
CA GLU B 730 -4.30 17.75 -13.89
C GLU B 730 -5.58 17.07 -13.41
N PHE B 731 -5.90 15.90 -13.93
CA PHE B 731 -7.11 15.24 -13.43
C PHE B 731 -6.93 14.88 -11.96
N ILE B 732 -5.75 14.38 -11.59
CA ILE B 732 -5.53 14.00 -10.20
C ILE B 732 -5.62 15.23 -9.33
N LEU B 733 -5.08 16.34 -9.79
CA LEU B 733 -5.16 17.56 -9.02
C LEU B 733 -6.61 17.98 -8.85
N THR B 734 -7.40 17.83 -9.91
CA THR B 734 -8.79 18.24 -9.87
C THR B 734 -9.51 17.40 -8.83
N LYS B 735 -9.20 16.12 -8.77
CA LYS B 735 -9.84 15.24 -7.81
C LYS B 735 -9.50 15.66 -6.40
N ILE B 736 -8.25 16.06 -6.21
CA ILE B 736 -7.79 16.50 -4.91
C ILE B 736 -8.53 17.78 -4.49
N MET B 737 -8.78 18.68 -5.42
CA MET B 737 -9.49 19.89 -5.03
C MET B 737 -10.89 19.57 -4.55
N GLN B 738 -11.58 18.67 -5.24
CA GLN B 738 -12.94 18.30 -4.82
C GLN B 738 -13.02 17.57 -3.48
N MET B 739 -12.10 16.63 -3.31
CA MET B 739 -12.04 15.85 -2.09
C MET B 739 -11.65 16.61 -0.83
N THR B 740 -10.70 17.53 -0.97
CA THR B 740 -10.22 18.30 0.16
C THR B 740 -11.12 19.46 0.52
N SER B 741 -12.07 19.83 -0.34
CA SER B 741 -12.91 20.97 -0.02
C SER B 741 -13.72 20.75 1.24
N VAL B 742 -14.11 21.84 1.90
CA VAL B 742 -14.90 21.80 3.13
C VAL B 742 -16.05 22.79 3.06
N ALA B 743 -17.26 22.32 3.34
CA ALA B 743 -18.44 23.17 3.32
C ALA B 743 -18.61 23.95 4.62
N ILE B 744 -18.84 25.26 4.50
CA ILE B 744 -19.06 26.08 5.68
C ILE B 744 -20.57 26.09 5.88
N THR B 745 -21.29 26.23 4.78
CA THR B 745 -22.73 26.27 4.80
C THR B 745 -23.21 25.53 3.56
N GLY B 746 -24.33 25.98 3.01
CA GLY B 746 -24.88 25.36 1.82
C GLY B 746 -24.45 26.04 0.53
N SER B 747 -23.95 27.27 0.65
CA SER B 747 -23.52 28.04 -0.51
C SER B 747 -22.11 28.56 -0.33
N LEU B 748 -21.48 28.18 0.77
CA LEU B 748 -20.13 28.61 1.10
C LEU B 748 -19.20 27.41 1.22
N ARG B 749 -18.35 27.22 0.21
CA ARG B 749 -17.42 26.11 0.20
C ARG B 749 -16.01 26.65 0.26
N LEU B 750 -15.16 26.02 1.07
CA LEU B 750 -13.77 26.46 1.22
C LEU B 750 -12.81 25.46 0.59
N PHE B 751 -11.91 25.96 -0.25
CA PHE B 751 -10.92 25.12 -0.91
C PHE B 751 -9.52 25.48 -0.46
N PRO B 752 -8.82 24.51 0.17
CA PRO B 752 -7.45 24.69 0.68
C PRO B 752 -6.44 24.97 -0.45
N SER B 753 -5.46 25.82 -0.18
CA SER B 753 -4.45 26.20 -1.18
C SER B 753 -3.35 25.16 -1.35
N GLU B 754 -2.47 25.41 -2.32
CA GLU B 754 -1.37 24.51 -2.65
C GLU B 754 -0.42 24.40 -1.47
N ARG B 755 -0.18 25.55 -0.84
CA ARG B 755 0.71 25.59 0.31
C ARG B 755 0.14 24.79 1.45
N VAL B 756 -1.17 24.89 1.69
CA VAL B 756 -1.74 24.14 2.80
C VAL B 756 -1.64 22.64 2.55
N LEU B 757 -1.93 22.26 1.32
CA LEU B 757 -1.85 20.89 0.83
C LEU B 757 -0.52 20.17 0.71
N THR B 758 0.51 20.88 0.27
CA THR B 758 1.79 20.22 0.05
C THR B 758 2.85 20.36 1.11
N THR B 759 2.83 21.46 1.86
CA THR B 759 3.85 21.68 2.88
C THR B 759 3.96 20.48 3.83
N ASN B 760 5.18 20.09 4.18
CA ASN B 760 5.34 18.95 5.06
C ASN B 760 4.73 19.15 6.43
N SER B 761 3.41 18.95 6.52
CA SER B 761 2.70 19.12 7.78
C SER B 761 1.81 17.93 8.04
N THR B 762 0.96 18.07 9.05
CA THR B 762 0.03 17.01 9.45
C THR B 762 -1.18 16.97 8.51
N PHE B 763 -1.22 17.91 7.58
CA PHE B 763 -2.28 18.04 6.59
C PHE B 763 -1.77 17.94 5.15
N LYS B 764 -0.60 17.33 4.97
CA LYS B 764 -0.05 17.18 3.63
C LYS B 764 -0.73 16.05 2.87
N VAL B 765 -1.08 16.33 1.62
CA VAL B 765 -1.76 15.36 0.77
C VAL B 765 -0.92 14.93 -0.45
N PHE B 766 -0.11 15.84 -0.98
CA PHE B 766 0.76 15.52 -2.12
C PHE B 766 1.95 16.48 -2.27
N ASP B 767 2.94 16.09 -3.07
CA ASP B 767 4.12 16.94 -3.27
C ASP B 767 3.89 17.93 -4.41
N SER B 768 4.28 19.19 -4.21
CA SER B 768 4.07 20.19 -5.25
C SER B 768 4.59 19.71 -6.59
N GLU B 769 5.58 18.83 -6.58
CA GLU B 769 6.16 18.30 -7.81
C GLU B 769 6.37 16.82 -7.59
N ASP B 770 5.88 16.00 -8.52
CA ASP B 770 6.00 14.55 -8.37
C ASP B 770 7.45 14.06 -8.21
N PHE B 771 7.64 13.18 -7.24
CA PHE B 771 8.93 12.57 -6.93
C PHE B 771 9.94 13.46 -6.20
N ILE B 772 9.47 14.58 -5.67
CA ILE B 772 10.35 15.50 -4.94
C ILE B 772 9.64 16.02 -3.70
N ILE B 773 10.16 15.66 -2.52
CA ILE B 773 9.59 16.13 -1.26
C ILE B 773 10.34 17.41 -0.82
N GLU B 774 9.60 18.51 -0.71
CA GLU B 774 10.16 19.79 -0.30
C GLU B 774 9.97 20.00 1.20
N TYR B 775 10.79 20.87 1.78
CA TYR B 775 10.69 21.19 3.19
C TYR B 775 10.76 22.72 3.31
N GLY B 776 10.07 23.27 4.30
CA GLY B 776 10.07 24.72 4.48
C GLY B 776 11.40 25.47 4.46
N THR B 777 11.57 26.32 3.46
CA THR B 777 12.80 27.10 3.36
C THR B 777 12.50 28.61 3.35
N THR B 778 11.24 28.96 3.65
CA THR B 778 10.80 30.36 3.74
C THR B 778 10.07 30.58 5.07
N VAL B 779 10.06 31.82 5.54
CA VAL B 779 9.43 32.11 6.82
C VAL B 779 7.94 31.85 6.82
N ASP B 780 7.26 32.19 5.73
CA ASP B 780 5.82 31.97 5.68
C ASP B 780 5.51 30.48 5.74
N GLU B 781 6.31 29.66 5.06
CA GLU B 781 6.10 28.21 5.07
C GLU B 781 6.29 27.72 6.49
N VAL B 782 7.30 28.26 7.16
CA VAL B 782 7.57 27.86 8.53
C VAL B 782 6.41 28.26 9.43
N TYR B 783 5.86 29.45 9.19
CA TYR B 783 4.78 29.93 10.05
C TYR B 783 3.57 29.01 9.91
N ILE B 784 3.27 28.62 8.68
CA ILE B 784 2.16 27.73 8.42
C ILE B 784 2.42 26.35 9.00
N GLN B 785 3.65 25.88 8.88
CA GLN B 785 3.95 24.52 9.35
C GLN B 785 3.74 24.41 10.84
N ARG B 786 4.20 25.42 11.57
CA ARG B 786 4.06 25.45 13.02
C ARG B 786 2.59 25.56 13.45
N ALA B 787 1.82 26.37 12.71
CA ALA B 787 0.40 26.54 13.01
C ALA B 787 -0.43 25.26 12.85
N PHE B 788 -0.18 24.50 11.80
CA PHE B 788 -0.94 23.27 11.56
C PHE B 788 -0.72 22.24 12.65
N MET B 789 0.52 22.14 13.11
CA MET B 789 0.86 21.15 14.12
C MET B 789 0.07 21.49 15.39
N SER B 790 -0.05 22.78 15.69
CA SER B 790 -0.79 23.27 16.85
C SER B 790 -2.14 22.55 17.01
N LEU B 791 -2.70 22.10 15.91
CA LEU B 791 -3.97 21.39 15.92
C LEU B 791 -3.87 20.04 15.22
N SER B 792 -2.87 19.26 15.62
CA SER B 792 -2.65 17.94 15.04
C SER B 792 -3.54 16.88 15.70
N SER B 793 -3.49 16.80 17.03
CA SER B 793 -4.30 15.84 17.78
C SER B 793 -5.49 16.50 18.45
N GLN B 794 -6.69 15.99 18.19
CA GLN B 794 -7.90 16.54 18.79
C GLN B 794 -8.48 15.62 19.84
N LYS B 795 -9.16 16.20 20.84
CA LYS B 795 -9.74 15.45 21.94
C LYS B 795 -11.02 14.71 21.60
N SER B 796 -11.28 13.64 22.36
CA SER B 796 -12.47 12.83 22.16
C SER B 796 -13.12 12.48 23.51
N GLY B 797 -14.26 13.11 23.79
CA GLY B 797 -14.96 12.86 25.03
C GLY B 797 -15.16 11.38 25.28
N ILE B 798 -15.87 10.72 24.36
CA ILE B 798 -16.12 9.30 24.49
C ILE B 798 -14.83 8.53 24.80
N ALA B 799 -13.72 8.97 24.21
CA ALA B 799 -12.42 8.32 24.40
C ALA B 799 -11.81 8.54 25.78
N ASP B 800 -12.08 9.70 26.37
CA ASP B 800 -11.57 10.04 27.69
C ASP B 800 -12.31 9.23 28.75
N GLU B 801 -13.61 9.09 28.56
CA GLU B 801 -14.46 8.35 29.49
C GLU B 801 -13.88 6.96 29.69
N ILE B 802 -13.79 6.22 28.59
CA ILE B 802 -13.27 4.86 28.58
C ILE B 802 -11.82 4.78 28.99
N ALA B 803 -11.10 5.88 28.78
CA ALA B 803 -9.69 5.93 29.17
C ALA B 803 -9.63 6.05 30.69
N ALA B 804 -10.78 6.38 31.28
CA ALA B 804 -10.92 6.55 32.72
C ALA B 804 -11.61 5.35 33.37
N SER B 805 -12.35 4.58 32.58
CA SER B 805 -13.08 3.42 33.09
C SER B 805 -12.15 2.42 33.80
N SER B 806 -12.71 1.70 34.76
CA SER B 806 -11.94 0.73 35.53
C SER B 806 -11.37 -0.29 34.57
N THR B 807 -12.26 -1.08 34.00
CA THR B 807 -11.88 -2.14 33.06
C THR B 807 -10.71 -1.76 32.16
N PHE B 808 -10.61 -0.48 31.81
CA PHE B 808 -9.53 -0.01 30.96
C PHE B 808 -8.20 0.16 31.68
N LYS B 809 -8.23 0.86 32.81
CA LYS B 809 -7.04 1.13 33.61
C LYS B 809 -6.47 -0.15 34.14
N ASN B 810 -7.36 -1.05 34.55
CA ASN B 810 -6.94 -2.34 35.07
C ASN B 810 -6.25 -3.11 33.94
N TYR B 811 -6.78 -3.00 32.72
CA TYR B 811 -6.20 -3.71 31.60
C TYR B 811 -4.79 -3.18 31.34
N VAL B 812 -4.62 -1.86 31.41
CA VAL B 812 -3.31 -1.27 31.21
C VAL B 812 -2.36 -1.67 32.34
N THR B 813 -2.91 -1.64 33.56
CA THR B 813 -2.16 -1.96 34.77
C THR B 813 -1.77 -3.44 34.77
N ARG B 814 -2.71 -4.27 34.36
CA ARG B 814 -2.48 -5.70 34.35
C ARG B 814 -1.37 -6.05 33.38
N LEU B 815 -1.36 -5.39 32.22
CA LEU B 815 -0.33 -5.66 31.22
C LEU B 815 1.03 -5.22 31.73
N SER B 816 1.09 -4.06 32.38
CA SER B 816 2.34 -3.50 32.91
C SER B 816 2.97 -4.33 34.03
N GLU B 817 2.14 -4.81 34.96
CA GLU B 817 2.62 -5.59 36.08
C GLU B 817 3.07 -6.99 35.67
N GLN B 818 2.80 -7.35 34.41
CA GLN B 818 3.17 -8.66 33.88
C GLN B 818 4.44 -8.53 33.04
N LEU B 819 4.62 -7.35 32.44
CA LEU B 819 5.76 -7.09 31.58
C LEU B 819 7.04 -6.82 32.33
N LEU B 820 7.09 -5.67 33.02
CA LEU B 820 8.27 -5.28 33.76
C LEU B 820 8.33 -5.66 35.24
N PHE B 821 9.52 -5.47 35.83
CA PHE B 821 9.78 -5.78 37.23
C PHE B 821 9.86 -4.48 38.03
N SER B 822 10.99 -3.77 37.89
CA SER B 822 11.20 -2.52 38.60
C SER B 822 10.19 -1.46 38.16
N LYS B 823 10.62 -0.21 37.99
CA LYS B 823 9.66 0.81 37.61
C LYS B 823 9.44 1.14 36.12
N ASN B 824 8.17 1.42 35.91
CA ASN B 824 7.43 1.75 34.71
C ASN B 824 7.37 2.90 33.72
N ASN B 825 7.51 4.15 34.12
CA ASN B 825 6.97 5.20 33.27
C ASN B 825 7.39 5.45 31.85
N ILE B 826 8.64 5.39 31.44
CA ILE B 826 8.73 5.65 30.00
C ILE B 826 7.94 4.53 29.29
N VAL B 827 8.07 3.27 29.73
CA VAL B 827 7.30 2.16 29.15
C VAL B 827 5.78 2.21 29.39
N SER B 828 5.40 2.54 30.63
CA SER B 828 4.00 2.60 31.07
C SER B 828 3.18 3.68 30.40
N ARG B 829 3.78 4.84 30.20
CA ARG B 829 3.07 5.93 29.58
C ARG B 829 2.75 5.45 28.17
N GLY B 830 3.70 4.75 27.56
CA GLY B 830 3.52 4.25 26.21
C GLY B 830 2.42 3.22 26.01
N ILE B 831 2.31 2.27 26.94
CA ILE B 831 1.30 1.25 26.86
C ILE B 831 -0.11 1.83 26.96
N ALA B 832 -0.28 2.82 27.82
CA ALA B 832 -1.58 3.45 28.00
C ALA B 832 -2.05 4.14 26.71
N LEU B 833 -1.14 4.85 26.05
CA LEU B 833 -1.48 5.54 24.82
C LEU B 833 -1.77 4.55 23.70
N THR B 834 -0.85 3.61 23.50
CA THR B 834 -1.03 2.59 22.48
C THR B 834 -2.45 2.05 22.58
N GLU B 835 -2.94 1.89 23.80
CA GLU B 835 -4.27 1.38 24.00
C GLU B 835 -5.29 2.47 23.76
N LYS B 836 -5.02 3.68 24.22
CA LYS B 836 -5.98 4.77 24.00
C LYS B 836 -6.18 5.01 22.52
N ALA B 837 -5.20 4.59 21.72
CA ALA B 837 -5.24 4.76 20.27
C ALA B 837 -6.12 3.72 19.59
N LYS B 838 -6.03 2.48 20.06
CA LYS B 838 -6.81 1.40 19.50
C LYS B 838 -8.32 1.66 19.59
N LEU B 839 -8.71 2.77 20.21
CA LEU B 839 -10.12 3.11 20.34
C LEU B 839 -10.58 3.90 19.13
N ASN B 840 -9.64 4.25 18.25
CA ASN B 840 -9.93 5.02 17.05
C ASN B 840 -10.68 4.21 15.98
N SER B 841 -10.65 2.89 16.13
CA SER B 841 -11.33 1.99 15.20
C SER B 841 -12.83 2.11 15.49
N TYR B 842 -13.14 2.51 16.71
CA TYR B 842 -14.50 2.71 17.17
C TYR B 842 -15.00 4.02 16.54
N ALA B 843 -15.90 3.91 15.57
CA ALA B 843 -16.43 5.07 14.86
C ALA B 843 -16.82 6.27 15.71
N PRO B 844 -17.71 6.10 16.69
CA PRO B 844 -18.09 7.25 17.53
C PRO B 844 -16.90 8.12 17.92
N ILE B 845 -15.81 7.50 18.37
CA ILE B 845 -14.61 8.25 18.76
C ILE B 845 -13.94 8.89 17.54
N SER B 846 -13.86 8.13 16.45
CA SER B 846 -13.23 8.59 15.22
C SER B 846 -14.04 9.78 14.69
N LEU B 847 -15.37 9.70 14.78
CA LEU B 847 -16.27 10.75 14.31
C LEU B 847 -16.11 12.04 15.10
N GLU B 848 -15.91 11.93 16.41
CA GLU B 848 -15.71 13.12 17.25
C GLU B 848 -14.44 13.83 16.85
N LYS B 849 -13.40 13.05 16.55
CA LYS B 849 -12.10 13.60 16.15
C LYS B 849 -12.18 14.37 14.83
N ARG B 850 -12.90 13.82 13.85
CA ARG B 850 -13.01 14.48 12.56
C ARG B 850 -13.76 15.80 12.67
N ARG B 851 -14.81 15.83 13.48
CA ARG B 851 -15.60 17.05 13.63
C ARG B 851 -14.74 18.12 14.25
N ALA B 852 -13.93 17.73 15.22
CA ALA B 852 -13.02 18.66 15.90
C ALA B 852 -11.95 19.16 14.91
N GLN B 853 -11.47 18.27 14.07
CA GLN B 853 -10.45 18.64 13.11
C GLN B 853 -10.98 19.63 12.08
N ILE B 854 -12.20 19.42 11.61
CA ILE B 854 -12.78 20.31 10.61
C ILE B 854 -13.00 21.72 11.15
N SER B 855 -13.51 21.82 12.37
CA SER B 855 -13.77 23.14 12.95
C SER B 855 -12.44 23.88 13.18
N ALA B 856 -11.44 23.16 13.67
CA ALA B 856 -10.15 23.76 13.95
C ALA B 856 -9.54 24.21 12.63
N LEU B 857 -9.68 23.36 11.62
CA LEU B 857 -9.17 23.63 10.29
C LEU B 857 -9.90 24.80 9.63
N LEU B 858 -11.21 24.89 9.82
CA LEU B 858 -11.97 25.95 9.18
C LEU B 858 -11.50 27.30 9.73
N THR B 859 -11.29 27.36 11.03
CA THR B 859 -10.81 28.57 11.68
C THR B 859 -9.38 28.92 11.27
N MET B 860 -8.54 27.90 11.15
CA MET B 860 -7.13 28.05 10.78
C MET B 860 -6.94 28.58 9.37
N LEU B 861 -7.72 28.08 8.42
CA LEU B 861 -7.66 28.55 7.04
C LEU B 861 -8.14 29.99 6.99
N GLN B 862 -9.17 30.29 7.78
CA GLN B 862 -9.71 31.65 7.86
C GLN B 862 -8.70 32.72 8.34
N LYS B 863 -7.96 32.44 9.42
CA LYS B 863 -6.97 33.39 9.94
C LYS B 863 -5.97 32.70 10.86
N PRO B 864 -4.93 32.10 10.27
CA PRO B 864 -3.86 31.37 10.98
C PRO B 864 -3.47 31.94 12.35
N VAL B 865 -3.75 31.14 13.38
CA VAL B 865 -3.49 31.46 14.77
C VAL B 865 -1.99 31.66 15.10
N THR B 866 -1.66 31.54 16.38
CA THR B 866 -0.29 31.70 16.87
C THR B 866 0.20 30.31 17.34
N PHE B 867 1.31 30.28 18.05
CA PHE B 867 1.85 29.03 18.56
C PHE B 867 3.18 29.28 19.27
N LYS B 868 3.34 28.65 20.43
CA LYS B 868 4.56 28.80 21.22
C LYS B 868 5.71 27.98 20.65
N SER B 869 5.52 27.47 19.43
CA SER B 869 6.50 26.66 18.74
C SER B 869 7.22 25.72 19.71
N SER B 870 8.43 26.10 20.06
CA SER B 870 9.28 25.36 21.00
C SER B 870 9.42 23.87 20.64
N LYS B 871 8.86 23.48 19.50
CA LYS B 871 8.92 22.10 19.02
C LYS B 871 9.76 22.00 17.76
N ILE B 872 10.73 21.11 17.78
CA ILE B 872 11.62 20.91 16.65
C ILE B 872 11.24 19.69 15.79
N THR B 873 11.34 19.86 14.49
CA THR B 873 11.04 18.81 13.53
C THR B 873 12.19 18.64 12.53
N ILE B 874 11.96 17.77 11.56
CA ILE B 874 12.92 17.48 10.50
C ILE B 874 13.16 18.73 9.67
N ASN B 875 12.09 19.48 9.42
CA ASN B 875 12.19 20.67 8.60
C ASN B 875 13.11 21.72 9.23
N ASP B 876 13.03 21.90 10.55
CA ASP B 876 13.88 22.89 11.19
C ASP B 876 15.36 22.52 11.07
N ILE B 877 15.67 21.23 11.19
CA ILE B 877 17.05 20.81 11.08
C ILE B 877 17.59 21.11 9.68
N LEU B 878 16.79 20.83 8.65
CA LEU B 878 17.19 21.05 7.26
C LEU B 878 17.37 22.52 6.95
N ARG B 879 16.48 23.31 7.51
CA ARG B 879 16.46 24.73 7.29
C ARG B 879 17.77 25.29 7.84
N ASP B 880 18.22 24.77 8.98
CA ASP B 880 19.47 25.25 9.60
C ASP B 880 20.69 25.00 8.71
N ILE B 881 20.75 23.82 8.10
CA ILE B 881 21.86 23.45 7.24
C ILE B 881 21.96 24.26 5.93
N LYS B 882 20.92 24.18 5.10
CA LYS B 882 20.87 24.83 3.81
C LYS B 882 21.84 25.97 3.51
N PRO B 883 21.83 27.04 4.33
CA PRO B 883 22.71 28.21 4.16
C PRO B 883 24.22 27.99 4.10
N PHE B 884 24.67 26.78 4.41
CA PHE B 884 26.10 26.46 4.41
C PHE B 884 26.54 25.56 3.29
N PHE B 885 25.82 25.61 2.17
CA PHE B 885 26.14 24.80 1.01
C PHE B 885 26.34 25.65 -0.23
N THR B 886 27.35 25.33 -1.01
CA THR B 886 27.59 26.08 -2.23
C THR B 886 27.39 25.17 -3.43
N VAL B 887 26.39 25.48 -4.25
CA VAL B 887 26.08 24.67 -5.43
C VAL B 887 26.96 25.04 -6.61
N SER B 888 27.17 24.08 -7.51
CA SER B 888 27.99 24.30 -8.69
C SER B 888 27.65 23.26 -9.77
N ASP B 889 27.28 23.71 -10.97
CA ASP B 889 26.93 22.77 -12.04
C ASP B 889 27.98 21.68 -12.15
N ALA B 890 27.54 20.43 -12.22
CA ALA B 890 28.45 19.28 -12.32
C ALA B 890 27.93 18.37 -13.39
N HIS B 891 28.62 17.27 -13.66
CA HIS B 891 28.13 16.37 -14.69
C HIS B 891 28.38 14.90 -14.38
N LEU B 892 27.35 14.09 -14.56
CA LEU B 892 27.43 12.68 -14.31
C LEU B 892 26.95 11.89 -15.53
N PRO B 893 27.83 11.06 -16.09
CA PRO B 893 27.42 10.29 -17.27
C PRO B 893 26.50 9.14 -16.89
N ILE B 894 25.74 8.68 -17.87
CA ILE B 894 24.83 7.56 -17.67
C ILE B 894 25.69 6.33 -17.90
N GLN B 895 25.78 5.47 -16.89
CA GLN B 895 26.60 4.25 -16.99
C GLN B 895 25.84 2.94 -16.83
N TYR B 896 24.63 2.99 -16.29
CA TYR B 896 23.86 1.77 -16.08
C TYR B 896 22.69 1.68 -17.05
N GLN B 897 22.58 0.51 -17.68
CA GLN B 897 21.50 0.25 -18.62
C GLN B 897 20.19 0.22 -17.85
N LYS B 898 19.07 0.35 -18.55
CA LYS B 898 17.78 0.35 -17.89
C LYS B 898 17.27 -1.08 -17.67
N PHE B 899 16.86 -1.41 -16.44
CA PHE B 899 16.33 -2.74 -16.15
C PHE B 899 14.83 -2.66 -15.85
N MET B 900 14.36 -1.49 -15.43
CA MET B 900 12.94 -1.29 -15.14
C MET B 900 12.42 -0.27 -16.16
N PRO B 901 12.18 -0.72 -17.39
CA PRO B 901 11.70 0.03 -18.53
C PRO B 901 10.55 1.01 -18.34
N THR B 902 9.62 0.71 -17.45
CA THR B 902 8.46 1.59 -17.29
C THR B 902 8.66 2.88 -16.52
N LEU B 903 9.74 2.96 -15.75
CA LEU B 903 10.02 4.16 -14.97
C LEU B 903 9.95 5.44 -15.79
N PRO B 904 9.31 6.49 -15.27
CA PRO B 904 9.23 7.74 -16.02
C PRO B 904 10.65 8.14 -16.39
N ASP B 905 10.80 9.00 -17.39
CA ASP B 905 12.14 9.40 -17.82
C ASP B 905 12.99 10.12 -16.78
N ASN B 906 12.43 11.03 -15.99
CA ASN B 906 13.24 11.72 -14.97
C ASN B 906 13.76 10.80 -13.84
N VAL B 907 12.92 9.91 -13.34
CA VAL B 907 13.31 8.96 -12.30
C VAL B 907 14.36 7.97 -12.82
N GLN B 908 14.18 7.53 -14.06
CA GLN B 908 15.01 6.55 -14.74
C GLN B 908 16.42 7.09 -14.92
N TYR B 909 16.52 8.38 -15.22
CA TYR B 909 17.80 9.04 -15.44
C TYR B 909 18.66 8.98 -14.17
N ILE B 910 18.05 9.16 -13.00
CA ILE B 910 18.84 9.16 -11.77
C ILE B 910 19.44 7.78 -11.65
N ILE B 911 18.67 6.75 -11.94
CA ILE B 911 19.20 5.39 -11.85
C ILE B 911 20.34 5.12 -12.86
N GLN B 912 20.22 5.64 -14.07
CA GLN B 912 21.23 5.44 -15.10
C GLN B 912 22.55 6.05 -14.68
N CYS B 913 22.50 7.21 -14.05
CA CYS B 913 23.72 7.87 -13.57
C CYS B 913 24.33 7.34 -12.25
N ILE B 914 23.53 7.21 -11.20
CA ILE B 914 24.05 6.76 -9.90
C ILE B 914 23.80 5.30 -9.53
N GLY B 915 22.86 4.65 -10.20
CA GLY B 915 22.62 3.25 -9.86
C GLY B 915 21.41 3.00 -8.99
N SER B 916 21.22 1.74 -8.61
CA SER B 916 20.08 1.37 -7.79
C SER B 916 20.44 0.45 -6.67
N ARG B 917 19.49 0.19 -5.78
CA ARG B 917 19.78 -0.69 -4.67
C ARG B 917 18.86 -1.89 -4.60
N THR B 918 19.28 -2.89 -3.85
CA THR B 918 18.48 -4.10 -3.70
C THR B 918 18.11 -4.34 -2.25
N TYR B 919 18.06 -3.28 -1.45
CA TYR B 919 17.74 -3.44 -0.03
C TYR B 919 16.95 -2.28 0.53
N GLN B 920 16.50 -2.48 1.78
CA GLN B 920 15.75 -1.46 2.51
C GLN B 920 16.64 -0.92 3.62
N ILE B 921 16.71 0.40 3.70
CA ILE B 921 17.51 1.06 4.70
C ILE B 921 16.83 0.88 6.06
N GLU B 922 17.55 0.31 7.03
CA GLU B 922 17.01 0.06 8.38
C GLU B 922 16.44 1.34 9.00
N ASP B 923 15.11 1.45 9.06
CA ASP B 923 14.44 2.64 9.58
C ASP B 923 13.61 2.39 10.85
N ASP B 924 13.95 1.32 11.57
CA ASP B 924 13.27 0.97 12.81
C ASP B 924 14.26 0.87 13.98
N GLY B 925 15.54 0.69 13.67
CA GLY B 925 16.56 0.60 14.69
C GLY B 925 16.62 -0.76 15.31
N SER B 926 16.10 -1.75 14.61
CA SER B 926 16.08 -3.12 15.12
C SER B 926 17.48 -3.74 15.13
N LYS B 927 18.40 -3.13 14.38
CA LYS B 927 19.78 -3.62 14.31
C LYS B 927 20.71 -3.00 15.34
N SER B 928 20.14 -2.26 16.28
CA SER B 928 20.93 -1.65 17.36
C SER B 928 21.13 -2.68 18.47
N ALA B 929 22.24 -2.58 19.18
CA ALA B 929 22.52 -3.52 20.25
C ALA B 929 21.50 -3.45 21.37
N ILE B 930 21.07 -2.25 21.72
CA ILE B 930 20.09 -2.12 22.79
C ILE B 930 18.76 -2.79 22.43
N SER B 931 18.33 -2.65 21.19
CA SER B 931 17.08 -3.26 20.76
C SER B 931 17.23 -4.76 20.81
N ARG B 932 18.40 -5.26 20.42
CA ARG B 932 18.65 -6.69 20.45
C ARG B 932 18.66 -7.22 21.89
N LEU B 933 19.23 -6.44 22.80
CA LEU B 933 19.34 -6.83 24.23
C LEU B 933 17.96 -6.96 24.83
N ILE B 934 17.08 -6.03 24.51
CA ILE B 934 15.70 -6.03 25.01
C ILE B 934 14.98 -7.28 24.51
N SER B 935 15.24 -7.63 23.26
CA SER B 935 14.66 -8.79 22.61
C SER B 935 15.07 -10.11 23.28
N LYS B 936 16.33 -10.21 23.69
CA LYS B 936 16.84 -11.43 24.31
C LYS B 936 16.13 -11.74 25.62
N TYR B 937 15.83 -10.71 26.41
CA TYR B 937 15.15 -10.90 27.69
C TYR B 937 13.70 -10.40 27.81
N SER B 938 13.27 -9.50 26.94
CA SER B 938 11.90 -9.00 27.00
C SER B 938 11.08 -9.21 25.72
N VAL B 939 9.79 -9.46 25.91
CA VAL B 939 8.87 -9.67 24.80
C VAL B 939 8.40 -8.30 24.34
N TYR B 940 8.99 -7.26 24.92
CA TYR B 940 8.62 -5.90 24.57
C TYR B 940 9.31 -5.48 23.28
N LYS B 941 8.64 -4.60 22.56
CA LYS B 941 9.13 -4.07 21.29
C LYS B 941 9.01 -2.56 21.26
N PRO B 942 10.11 -1.86 21.59
CA PRO B 942 10.09 -0.40 21.57
C PRO B 942 10.15 0.13 20.12
N SER B 943 9.41 1.20 19.85
CA SER B 943 9.40 1.78 18.53
C SER B 943 10.70 2.53 18.29
N ILE B 944 10.89 2.97 17.05
CA ILE B 944 12.10 3.69 16.69
C ILE B 944 12.12 4.98 17.52
N GLU B 945 10.96 5.61 17.66
CA GLU B 945 10.92 6.86 18.41
C GLU B 945 11.24 6.66 19.89
N GLU B 946 10.73 5.58 20.48
CA GLU B 946 10.99 5.31 21.89
C GLU B 946 12.47 5.02 22.13
N LEU B 947 13.06 4.25 21.24
CA LEU B 947 14.46 3.88 21.34
C LEU B 947 15.26 5.17 21.25
N TYR B 948 14.82 6.06 20.36
CA TYR B 948 15.49 7.33 20.15
C TYR B 948 15.46 8.21 21.40
N LYS B 949 14.32 8.28 22.09
CA LYS B 949 14.28 9.05 23.34
C LYS B 949 15.16 8.40 24.44
N VAL B 950 15.06 7.07 24.52
CA VAL B 950 15.79 6.27 25.50
C VAL B 950 17.32 6.27 25.37
N ILE B 951 17.83 6.18 24.14
CA ILE B 951 19.26 6.16 23.92
C ILE B 951 19.86 7.50 24.39
N SER B 952 19.16 8.60 24.13
CA SER B 952 19.63 9.92 24.56
C SER B 952 19.54 10.22 26.06
N LEU B 953 19.07 9.27 26.87
CA LEU B 953 18.96 9.50 28.32
C LEU B 953 20.31 9.34 29.03
N HIS B 954 20.39 9.85 30.26
CA HIS B 954 21.62 9.78 31.06
C HIS B 954 21.98 8.34 31.41
N GLU B 955 23.26 8.00 31.28
CA GLU B 955 23.72 6.65 31.54
C GLU B 955 22.98 5.90 32.65
N ASN B 956 22.72 6.58 33.77
CA ASN B 956 22.03 5.94 34.88
C ASN B 956 20.59 5.54 34.54
N GLU B 957 19.88 6.41 33.81
CA GLU B 957 18.49 6.16 33.42
C GLU B 957 18.35 4.95 32.47
N ILE B 958 19.30 4.82 31.54
CA ILE B 958 19.27 3.72 30.59
C ILE B 958 19.41 2.41 31.33
N GLN B 959 20.27 2.38 32.33
CA GLN B 959 20.51 1.16 33.09
C GLN B 959 19.23 0.74 33.81
N LEU B 960 18.50 1.72 34.34
CA LEU B 960 17.25 1.43 35.04
C LEU B 960 16.16 0.90 34.12
N TYR B 961 16.06 1.50 32.93
CA TYR B 961 15.05 1.10 31.94
C TYR B 961 15.31 -0.35 31.48
N LEU B 962 16.57 -0.71 31.24
CA LEU B 962 16.85 -2.06 30.78
C LEU B 962 16.48 -3.05 31.86
N ILE B 963 16.82 -2.72 33.10
CA ILE B 963 16.50 -3.61 34.22
C ILE B 963 14.98 -3.69 34.43
N SER B 964 14.32 -2.54 34.32
CA SER B 964 12.88 -2.46 34.48
C SER B 964 12.19 -3.37 33.49
N LEU B 965 12.87 -3.76 32.42
CA LEU B 965 12.26 -4.65 31.42
C LEU B 965 12.67 -6.10 31.59
N GLY B 966 13.50 -6.37 32.58
CA GLY B 966 13.93 -7.73 32.83
C GLY B 966 15.35 -8.05 32.43
N ILE B 967 16.05 -7.04 31.96
CA ILE B 967 17.43 -7.25 31.56
C ILE B 967 18.26 -7.37 32.84
N PRO B 968 19.08 -8.44 32.93
CA PRO B 968 19.95 -8.72 34.08
C PRO B 968 21.01 -7.63 34.28
N LYS B 969 21.46 -7.47 35.52
CA LYS B 969 22.44 -6.43 35.85
C LYS B 969 23.80 -6.51 35.20
N ILE B 970 24.38 -7.69 35.06
CA ILE B 970 25.70 -7.75 34.47
C ILE B 970 25.58 -7.25 33.02
N ASP B 971 24.53 -7.68 32.32
CA ASP B 971 24.30 -7.22 30.96
C ASP B 971 23.96 -5.73 30.81
N ALA B 972 23.11 -5.22 31.70
CA ALA B 972 22.72 -3.82 31.64
C ALA B 972 23.88 -2.90 31.93
N ASP B 973 24.65 -3.27 32.94
CA ASP B 973 25.82 -2.52 33.36
C ASP B 973 26.90 -2.54 32.31
N THR B 974 27.11 -3.68 31.66
CA THR B 974 28.15 -3.77 30.65
C THR B 974 27.84 -2.89 29.43
N TYR B 975 26.58 -2.91 29.01
CA TYR B 975 26.16 -2.09 27.88
C TYR B 975 26.19 -0.56 28.08
N VAL B 976 25.73 -0.09 29.25
CA VAL B 976 25.63 1.35 29.51
C VAL B 976 26.92 2.15 29.42
N GLY B 977 28.04 1.46 29.25
CA GLY B 977 29.29 2.16 29.14
C GLY B 977 29.99 1.84 27.85
N SER B 978 29.98 0.56 27.50
CA SER B 978 30.61 0.04 26.30
C SER B 978 30.64 0.93 25.06
N LYS B 979 31.46 0.49 24.11
CA LYS B 979 31.66 1.11 22.82
C LYS B 979 30.35 1.05 22.05
N ILE B 980 29.66 -0.08 22.19
CA ILE B 980 28.42 -0.35 21.47
C ILE B 980 27.34 0.64 21.86
N TYR B 981 27.24 1.00 23.13
CA TYR B 981 26.22 1.96 23.53
C TYR B 981 26.48 3.30 22.82
N SER B 982 27.75 3.71 22.76
CA SER B 982 28.07 4.98 22.10
C SER B 982 27.72 4.89 20.63
N ARG B 983 28.04 3.75 20.02
CA ARG B 983 27.74 3.49 18.60
C ARG B 983 26.23 3.44 18.37
N ASP B 984 25.49 2.77 19.26
CA ASP B 984 24.06 2.69 19.07
C ASP B 984 23.49 4.08 18.94
N LYS B 985 23.89 4.97 19.84
CA LYS B 985 23.40 6.35 19.80
C LYS B 985 23.35 6.87 18.35
N TYR B 986 24.45 6.72 17.62
CA TYR B 986 24.49 7.16 16.23
C TYR B 986 23.55 6.36 15.34
N ARG B 987 23.54 5.05 15.53
CA ARG B 987 22.71 4.16 14.71
C ARG B 987 21.20 4.40 14.86
N ILE B 988 20.77 4.64 16.10
CA ILE B 988 19.37 4.89 16.38
C ILE B 988 18.95 6.20 15.72
N LEU B 989 19.79 7.23 15.79
CA LEU B 989 19.47 8.53 15.17
C LEU B 989 19.41 8.44 13.65
N GLU B 990 20.34 7.66 13.09
CA GLU B 990 20.40 7.46 11.65
C GLU B 990 19.12 6.75 11.20
N SER B 991 18.71 5.75 11.98
CA SER B 991 17.49 5.02 11.68
C SER B 991 16.25 5.91 11.80
N TYR B 992 16.20 6.73 12.83
CA TYR B 992 15.07 7.62 13.04
C TYR B 992 14.96 8.70 11.94
N VAL B 993 16.10 9.26 11.57
CA VAL B 993 16.20 10.30 10.52
C VAL B 993 15.81 9.77 9.14
N TYR B 994 16.24 8.56 8.83
CA TYR B 994 15.91 7.90 7.56
C TYR B 994 14.41 7.71 7.56
N ASN B 995 13.88 7.36 8.71
CA ASN B 995 12.45 7.16 8.81
C ASN B 995 11.68 8.48 8.55
N LEU B 996 12.14 9.59 9.10
CA LEU B 996 11.44 10.86 8.90
C LEU B 996 11.54 11.42 7.49
N LEU B 997 12.49 10.90 6.72
CA LEU B 997 12.71 11.36 5.36
C LEU B 997 12.14 10.46 4.25
N SER B 998 11.38 9.45 4.65
CA SER B 998 10.76 8.56 3.68
C SER B 998 11.79 8.08 2.65
N ILE B 999 12.89 7.52 3.14
CA ILE B 999 13.94 7.06 2.25
C ILE B 999 13.62 5.69 1.70
N ASN B 1000 12.60 5.04 2.28
CA ASN B 1000 12.18 3.70 1.84
C ASN B 1000 10.92 3.68 0.98
N TYR B 1001 10.34 4.85 0.77
CA TYR B 1001 9.13 4.94 -0.01
C TYR B 1001 9.31 5.54 -1.37
N GLY B 1002 8.16 5.81 -1.99
CA GLY B 1002 8.10 6.39 -3.31
C GLY B 1002 9.25 6.14 -4.25
N CYS B 1003 9.79 7.23 -4.76
CA CYS B 1003 10.86 7.20 -5.71
C CYS B 1003 12.21 6.86 -5.15
N TYR B 1004 12.50 7.42 -3.97
CA TYR B 1004 13.77 7.22 -3.27
C TYR B 1004 14.13 5.78 -2.97
N GLN B 1005 13.15 4.98 -2.58
CA GLN B 1005 13.49 3.58 -2.28
C GLN B 1005 14.34 2.90 -3.37
N LEU B 1006 14.27 3.41 -4.61
CA LEU B 1006 14.99 2.86 -5.78
C LEU B 1006 16.50 3.21 -5.92
N PHE B 1007 16.80 4.49 -5.67
CA PHE B 1007 18.14 5.05 -5.76
C PHE B 1007 19.11 4.50 -4.74
N ASP B 1008 20.33 4.24 -5.21
CA ASP B 1008 21.37 3.77 -4.32
C ASP B 1008 22.02 5.01 -3.69
N PHE B 1009 21.59 5.34 -2.48
CA PHE B 1009 22.11 6.50 -1.78
C PHE B 1009 23.59 6.38 -1.39
N ASN B 1010 24.20 5.22 -1.63
CA ASN B 1010 25.61 5.08 -1.34
C ASN B 1010 26.40 4.89 -2.63
N SER B 1011 25.80 5.37 -3.72
CA SER B 1011 26.42 5.32 -5.03
C SER B 1011 27.73 6.09 -5.02
N PRO B 1012 28.80 5.51 -5.58
CA PRO B 1012 30.11 6.16 -5.63
C PRO B 1012 29.98 7.42 -6.48
N ASP B 1013 29.21 7.31 -7.56
CA ASP B 1013 29.02 8.43 -8.47
C ASP B 1013 28.32 9.57 -7.72
N LEU B 1014 27.35 9.22 -6.89
CA LEU B 1014 26.60 10.19 -6.08
C LEU B 1014 27.51 10.90 -5.08
N GLU B 1015 28.41 10.09 -4.51
CA GLU B 1015 29.37 10.49 -3.49
C GLU B 1015 30.37 11.56 -3.97
N LYS B 1016 30.82 11.44 -5.21
CA LYS B 1016 31.77 12.40 -5.74
C LYS B 1016 31.05 13.74 -5.75
N LEU B 1017 29.79 13.78 -6.12
CA LEU B 1017 29.08 15.05 -6.16
C LEU B 1017 28.98 15.77 -4.81
N ILE B 1018 29.32 15.08 -3.73
CA ILE B 1018 29.22 15.72 -2.43
C ILE B 1018 30.62 16.01 -1.87
N ARG B 1019 30.91 17.28 -1.59
CA ARG B 1019 32.22 17.62 -1.07
C ARG B 1019 32.06 18.17 0.34
N ILE B 1020 32.20 17.29 1.32
CA ILE B 1020 32.06 17.72 2.71
C ILE B 1020 33.32 17.61 3.58
N PRO B 1021 34.03 18.75 3.75
CA PRO B 1021 35.25 18.85 4.56
C PRO B 1021 34.93 18.74 6.05
N PHE B 1022 35.65 17.87 6.75
CA PHE B 1022 35.44 17.67 8.18
C PHE B 1022 36.11 18.80 8.96
N LYS B 1023 35.33 19.46 9.82
CA LYS B 1023 35.81 20.56 10.64
C LYS B 1023 35.54 20.23 12.11
N GLY B 1024 35.88 19.01 12.50
CA GLY B 1024 35.67 18.58 13.87
C GLY B 1024 35.71 17.07 13.99
N LYS B 1025 34.54 16.44 13.79
CA LYS B 1025 34.35 14.99 13.85
C LYS B 1025 33.28 14.65 14.89
N ILE B 1026 32.03 14.77 14.50
CA ILE B 1026 30.89 14.48 15.37
C ILE B 1026 29.76 13.84 14.52
N PRO B 1027 29.81 12.50 14.35
CA PRO B 1027 28.90 11.64 13.59
C PRO B 1027 27.53 12.18 13.15
N ALA B 1028 26.62 12.37 14.09
CA ALA B 1028 25.29 12.87 13.75
C ALA B 1028 25.33 14.04 12.78
N VAL B 1029 26.18 15.03 13.06
CA VAL B 1029 26.28 16.19 12.19
C VAL B 1029 26.83 15.81 10.80
N THR B 1030 27.83 14.94 10.76
CA THR B 1030 28.38 14.55 9.48
C THR B 1030 27.32 13.80 8.67
N PHE B 1031 26.58 12.92 9.33
CA PHE B 1031 25.56 12.14 8.65
C PHE B 1031 24.41 12.97 8.08
N ILE B 1032 23.92 13.95 8.84
CA ILE B 1032 22.85 14.77 8.32
C ILE B 1032 23.28 15.63 7.12
N LEU B 1033 24.48 16.20 7.18
CA LEU B 1033 24.96 17.07 6.11
C LEU B 1033 25.10 16.29 4.82
N HIS B 1034 25.64 15.07 4.92
CA HIS B 1034 25.82 14.23 3.74
C HIS B 1034 24.48 13.82 3.16
N LEU B 1035 23.54 13.46 4.03
CA LEU B 1035 22.21 13.04 3.60
C LEU B 1035 21.47 14.20 2.96
N TYR B 1036 21.57 15.37 3.57
CA TYR B 1036 20.86 16.51 3.04
C TYR B 1036 21.43 16.81 1.66
N ALA B 1037 22.74 16.70 1.51
CA ALA B 1037 23.36 16.96 0.22
C ALA B 1037 22.95 15.95 -0.84
N LYS B 1038 22.88 14.68 -0.47
CA LYS B 1038 22.48 13.64 -1.41
C LYS B 1038 21.05 13.90 -1.84
N LEU B 1039 20.19 14.26 -0.90
CA LEU B 1039 18.79 14.52 -1.27
C LEU B 1039 18.66 15.76 -2.17
N GLU B 1040 19.40 16.82 -1.84
CA GLU B 1040 19.34 18.04 -2.63
C GLU B 1040 19.87 17.81 -4.02
N VAL B 1041 20.96 17.06 -4.14
CA VAL B 1041 21.51 16.81 -5.46
C VAL B 1041 20.56 15.97 -6.30
N ILE B 1042 19.99 14.94 -5.69
CA ILE B 1042 19.07 14.05 -6.41
C ILE B 1042 17.80 14.78 -6.83
N ASN B 1043 17.28 15.63 -5.97
CA ASN B 1043 16.06 16.34 -6.29
C ASN B 1043 16.33 17.23 -7.47
N TYR B 1044 17.48 17.87 -7.51
CA TYR B 1044 17.81 18.76 -8.64
C TYR B 1044 17.87 17.92 -9.92
N ALA B 1045 18.47 16.74 -9.81
CA ALA B 1045 18.62 15.83 -10.94
C ALA B 1045 17.25 15.35 -11.47
N ILE B 1046 16.35 15.09 -10.52
CA ILE B 1046 14.99 14.64 -10.84
C ILE B 1046 14.23 15.73 -11.60
N LYS B 1047 14.38 16.97 -11.18
CA LYS B 1047 13.67 18.07 -11.83
C LYS B 1047 14.37 18.67 -13.06
N ASN B 1048 15.69 18.68 -13.10
CA ASN B 1048 16.41 19.30 -14.22
C ASN B 1048 17.11 18.39 -15.24
N GLY B 1049 17.31 17.13 -14.92
CA GLY B 1049 17.95 16.24 -15.87
C GLY B 1049 19.45 16.45 -15.92
N SER B 1050 19.92 17.44 -15.18
CA SER B 1050 21.35 17.71 -15.13
C SER B 1050 21.75 17.58 -13.66
N TRP B 1051 23.05 17.56 -13.38
CA TRP B 1051 23.50 17.44 -12.00
C TRP B 1051 24.16 18.68 -11.46
N ILE B 1052 24.51 18.63 -10.19
CA ILE B 1052 25.19 19.72 -9.49
C ILE B 1052 26.08 19.16 -8.40
N SER B 1053 27.11 19.92 -8.05
CA SER B 1053 28.04 19.53 -7.03
C SER B 1053 27.80 20.39 -5.82
N LEU B 1054 27.75 19.75 -4.66
CA LEU B 1054 27.53 20.44 -3.42
C LEU B 1054 28.76 20.50 -2.51
N PHE B 1055 29.10 21.73 -2.09
CA PHE B 1055 30.23 21.97 -1.19
C PHE B 1055 29.69 22.46 0.16
N CYS B 1056 30.28 21.94 1.22
CA CYS B 1056 29.87 22.32 2.55
C CYS B 1056 30.93 23.00 3.38
N ASN B 1057 30.61 24.21 3.83
CA ASN B 1057 31.49 25.02 4.67
C ASN B 1057 30.75 25.32 5.98
N TYR B 1058 30.34 24.25 6.66
CA TYR B 1058 29.61 24.33 7.91
C TYR B 1058 30.60 24.54 9.04
N PRO B 1059 30.42 25.63 9.82
CA PRO B 1059 31.24 26.05 10.96
C PRO B 1059 31.29 24.97 12.02
N LYS B 1060 32.26 25.08 12.92
CA LYS B 1060 32.42 24.12 14.01
C LYS B 1060 31.55 24.54 15.20
N SER B 1061 31.42 25.85 15.40
CA SER B 1061 30.62 26.41 16.48
C SER B 1061 29.18 26.00 16.26
N GLU B 1062 28.79 26.05 14.98
CA GLU B 1062 27.45 25.70 14.52
C GLU B 1062 27.04 24.24 14.74
N MET B 1063 27.99 23.32 14.55
CA MET B 1063 27.72 21.90 14.66
C MET B 1063 27.31 21.52 16.08
N ILE B 1064 27.92 22.11 17.09
CA ILE B 1064 27.55 21.79 18.46
C ILE B 1064 26.07 22.20 18.69
N LYS B 1065 25.67 23.36 18.16
CA LYS B 1065 24.28 23.83 18.31
C LYS B 1065 23.30 22.88 17.60
N LEU B 1066 23.69 22.45 16.42
CA LEU B 1066 22.90 21.55 15.57
C LEU B 1066 22.71 20.17 16.18
N TRP B 1067 23.76 19.64 16.81
CA TRP B 1067 23.75 18.31 17.39
C TRP B 1067 22.72 18.26 18.52
N LYS B 1068 22.63 19.33 19.29
CA LYS B 1068 21.65 19.41 20.38
C LYS B 1068 20.25 19.39 19.78
N LYS B 1069 20.11 20.09 18.66
CA LYS B 1069 18.84 20.25 17.96
C LYS B 1069 18.37 18.90 17.47
N MET B 1070 19.29 18.07 17.01
CA MET B 1070 18.97 16.77 16.45
C MET B 1070 18.32 15.82 17.45
N TRP B 1071 18.78 15.80 18.69
CA TRP B 1071 18.20 14.90 19.69
C TRP B 1071 16.87 15.36 20.30
N ASN B 1072 16.12 16.18 19.56
CA ASN B 1072 14.84 16.68 20.01
C ASN B 1072 13.88 16.87 18.85
N ILE B 1073 14.02 16.03 17.84
CA ILE B 1073 13.17 16.10 16.66
C ILE B 1073 11.81 15.43 16.92
N THR B 1074 10.76 16.08 16.44
CA THR B 1074 9.43 15.55 16.60
C THR B 1074 8.96 14.94 15.28
N SER B 1075 8.20 13.86 15.37
CA SER B 1075 7.69 13.22 14.16
C SER B 1075 6.37 13.85 13.75
N LEU B 1076 6.18 13.96 12.43
CA LEU B 1076 4.95 14.52 11.89
C LEU B 1076 4.01 13.40 11.41
N ARG B 1077 2.73 13.61 11.63
CA ARG B 1077 1.76 12.63 11.19
C ARG B 1077 0.87 13.38 10.18
N SER B 1078 0.55 12.72 9.07
CA SER B 1078 -0.28 13.37 8.05
C SER B 1078 -0.82 12.38 7.02
N PRO B 1079 -1.90 12.76 6.30
CA PRO B 1079 -2.53 11.91 5.28
C PRO B 1079 -1.48 11.38 4.30
N TYR B 1080 -0.51 12.24 3.95
CA TYR B 1080 0.57 11.87 3.04
C TYR B 1080 1.44 10.75 3.68
N THR B 1081 1.71 10.91 4.97
CA THR B 1081 2.49 9.97 5.78
C THR B 1081 1.76 8.64 5.95
N ASN B 1082 0.46 8.77 6.19
CA ASN B 1082 -0.44 7.65 6.37
C ASN B 1082 -0.55 6.89 5.06
N ALA B 1083 -0.58 7.64 3.95
CA ALA B 1083 -0.71 7.07 2.62
C ALA B 1083 0.49 6.18 2.27
N ASN B 1084 1.71 6.59 2.62
CA ASN B 1084 2.86 5.72 2.34
C ASN B 1084 2.80 4.43 3.16
N PHE B 1085 2.39 4.55 4.41
CA PHE B 1085 2.26 3.43 5.37
C PHE B 1085 1.18 2.47 4.86
N PHE B 1086 0.13 3.07 4.32
CA PHE B 1086 -1.04 2.39 3.78
C PHE B 1086 -0.65 1.53 2.58
N GLN B 1087 0.29 2.01 1.76
CA GLN B 1087 0.66 1.28 0.56
C GLN B 1087 1.28 -0.07 0.90
N GLU B 1088 2.14 -0.15 1.90
CA GLU B 1088 2.71 -1.46 2.22
C GLU B 1088 3.31 -1.52 3.62
#